data_6HTN
#
_entry.id   6HTN
#
_cell.length_a   87.102
_cell.length_b   90.522
_cell.length_c   143.777
_cell.angle_alpha   90.00
_cell.angle_beta   90.00
_cell.angle_gamma   90.00
#
_symmetry.space_group_name_H-M   'P 2 21 21'
#
loop_
_entity.id
_entity.type
_entity.pdbx_description
1 polymer 'Fucose-binding lectin'
2 non-polymer 'methyl alpha-L-fucopyranoside'
3 non-polymer (4R)-2-METHYLPENTANE-2,4-DIOL
4 non-polymer 1,2-ETHANEDIOL
5 non-polymer 3,6,9,12,15,18,21-HEPTAOXATRICOSANE-1,23-DIOL
6 water water
#
_entity_poly.entity_id   1
_entity_poly.type   'polypeptide(L)'
_entity_poly.pdbx_seq_one_letter_code
;MGATSWLDGSGQIHLRIYSLQQSNGKLLERCWDSNKWYDGALTNQFSAISGAGATSWLDSSGQIHIRVYAIGTDGKIIEL
CWDKDKWYSGALTGQFYGASTPDATSWLDKNGQIHIRVYAYNQDNVQKEYCWDGSKWYVGAYTE
;
_entity_poly.pdbx_strand_id   A,B,C,D,E,F
#
# COMPACT_ATOMS: atom_id res chain seq x y z
N GLY A 2 -19.55 6.80 20.90
CA GLY A 2 -20.42 5.70 21.34
C GLY A 2 -21.88 6.07 21.40
N ALA A 3 -22.77 5.14 21.13
CA ALA A 3 -24.23 5.37 21.16
C ALA A 3 -24.88 4.28 21.98
N THR A 4 -25.77 4.61 22.89
CA THR A 4 -26.55 3.58 23.60
C THR A 4 -27.97 4.09 23.72
N SER A 5 -28.95 3.23 23.92
CA SER A 5 -30.35 3.68 23.99
C SER A 5 -31.14 2.66 24.81
N TRP A 6 -32.28 3.11 25.35
CA TRP A 6 -33.18 2.18 26.08
C TRP A 6 -34.60 2.72 25.96
N LEU A 7 -35.56 1.82 26.10
CA LEU A 7 -36.99 2.17 26.15
C LEU A 7 -37.46 2.16 27.58
N ASP A 8 -38.15 3.21 27.99
CA ASP A 8 -38.75 3.20 29.35
C ASP A 8 -40.09 2.45 29.28
N GLY A 9 -40.76 2.38 30.43
CA GLY A 9 -42.04 1.64 30.57
C GLY A 9 -43.14 2.17 29.68
N SER A 10 -43.07 3.45 29.27
CA SER A 10 -44.08 4.09 28.41
C SER A 10 -43.76 3.89 26.93
N GLY A 11 -42.63 3.27 26.58
CA GLY A 11 -42.26 3.09 25.17
C GLY A 11 -41.53 4.31 24.60
N GLN A 12 -41.10 5.20 25.46
CA GLN A 12 -40.30 6.39 25.05
C GLN A 12 -38.83 5.96 24.93
N ILE A 13 -38.23 6.28 23.80
CA ILE A 13 -36.77 6.04 23.56
C ILE A 13 -35.94 7.09 24.31
N HIS A 14 -34.84 6.66 24.87
CA HIS A 14 -33.79 7.51 25.47
C HIS A 14 -32.49 7.22 24.72
N LEU A 15 -31.82 8.26 24.25
CA LEU A 15 -30.52 8.10 23.52
C LEU A 15 -29.45 8.77 24.34
N ARG A 16 -28.27 8.15 24.38
CA ARG A 16 -27.09 8.76 25.01
C ARG A 16 -25.93 8.62 24.01
N ILE A 17 -25.37 9.73 23.56
CA ILE A 17 -24.33 9.77 22.50
C ILE A 17 -23.07 10.35 23.10
N TYR A 18 -21.97 9.65 23.06
CA TYR A 18 -20.69 10.02 23.70
C TYR A 18 -19.64 10.33 22.63
N SER A 19 -18.93 11.42 22.82
CA SER A 19 -17.88 11.83 21.87
C SER A 19 -16.80 12.63 22.57
N LEU A 20 -15.62 12.70 21.96
CA LEU A 20 -14.44 13.41 22.52
C LEU A 20 -14.43 14.77 21.87
N GLN A 21 -14.52 15.84 22.67
CA GLN A 21 -14.55 17.21 22.10
C GLN A 21 -13.16 17.65 21.59
N GLN A 22 -13.16 18.11 20.39
CA GLN A 22 -11.94 18.59 19.70
C GLN A 22 -11.35 19.79 20.43
N SER A 23 -12.20 20.64 21.00
CA SER A 23 -11.74 21.96 21.52
C SER A 23 -11.17 21.80 22.92
N ASN A 24 -11.52 20.74 23.70
CA ASN A 24 -11.02 20.67 25.08
C ASN A 24 -10.60 19.30 25.55
N GLY A 25 -10.60 18.29 24.68
CA GLY A 25 -10.13 16.94 25.03
C GLY A 25 -10.95 16.27 26.13
N LYS A 26 -12.18 16.73 26.32
CA LYS A 26 -13.11 16.14 27.29
C LYS A 26 -14.25 15.43 26.60
N LEU A 27 -14.72 14.36 27.25
CA LEU A 27 -15.91 13.64 26.74
C LEU A 27 -17.17 14.49 26.91
N LEU A 28 -17.97 14.43 25.88
CA LEU A 28 -19.32 15.05 25.80
C LEU A 28 -20.35 13.94 25.85
N GLU A 29 -21.43 14.14 26.58
CA GLU A 29 -22.61 13.26 26.57
C GLU A 29 -23.79 14.05 26.06
N ARG A 30 -24.39 13.65 24.98
CA ARG A 30 -25.60 14.29 24.42
C ARG A 30 -26.78 13.36 24.67
N CYS A 31 -27.88 13.94 25.14
CA CYS A 31 -29.03 13.15 25.63
C CYS A 31 -30.29 13.49 24.90
N TRP A 32 -31.11 12.48 24.61
CA TRP A 32 -32.46 12.66 24.06
C TRP A 32 -33.40 11.88 24.95
N ASP A 33 -34.42 12.52 25.53
CA ASP A 33 -35.40 11.83 26.39
C ASP A 33 -36.82 11.98 25.86
N SER A 34 -37.12 12.94 24.99
CA SER A 34 -38.51 13.14 24.50
C SER A 34 -38.51 13.96 23.24
N ASN A 35 -37.96 15.18 23.28
CA ASN A 35 -38.17 16.08 22.13
C ASN A 35 -36.98 16.99 21.85
N LYS A 36 -35.86 16.84 22.52
CA LYS A 36 -34.70 17.72 22.23
C LYS A 36 -33.42 17.07 22.75
N TRP A 37 -32.30 17.49 22.16
CA TRP A 37 -30.97 17.11 22.63
C TRP A 37 -30.47 18.06 23.70
N TYR A 38 -29.86 17.53 24.74
CA TYR A 38 -29.25 18.36 25.79
C TYR A 38 -27.96 17.75 26.28
N ASP A 39 -27.18 18.51 26.98
CA ASP A 39 -25.90 18.04 27.53
C ASP A 39 -26.16 17.22 28.78
N GLY A 40 -25.65 15.99 28.84
CA GLY A 40 -25.72 15.15 30.02
C GLY A 40 -24.69 15.48 31.06
N ALA A 41 -24.84 14.95 32.26
CA ALA A 41 -24.01 15.21 33.42
C ALA A 41 -22.54 14.80 33.19
N LEU A 42 -22.29 13.81 32.33
N LEU A 42 -22.30 13.80 32.32
CA LEU A 42 -20.89 13.36 32.10
CA LEU A 42 -20.89 13.36 32.10
C LEU A 42 -20.07 14.50 31.47
C LEU A 42 -20.07 14.50 31.47
N THR A 43 -20.74 15.36 30.72
CA THR A 43 -20.09 16.38 29.86
C THR A 43 -19.05 17.18 30.63
N ASN A 44 -17.84 17.28 30.06
CA ASN A 44 -16.72 18.15 30.53
C ASN A 44 -16.11 17.62 31.82
N GLN A 45 -16.48 16.46 32.34
CA GLN A 45 -15.87 15.97 33.57
C GLN A 45 -14.56 15.23 33.32
N PHE A 46 -14.40 14.55 32.18
N PHE A 46 -14.41 14.56 32.18
CA PHE A 46 -13.31 13.56 32.00
CA PHE A 46 -13.33 13.57 32.02
C PHE A 46 -12.54 13.79 30.70
C PHE A 46 -12.53 13.77 30.71
N SER A 47 -11.23 13.80 30.82
CA SER A 47 -10.29 13.90 29.68
C SER A 47 -10.10 12.51 29.07
N ALA A 48 -9.95 12.46 27.74
CA ALA A 48 -9.64 11.18 27.07
C ALA A 48 -8.87 11.50 25.79
N ILE A 49 -8.37 10.48 25.13
CA ILE A 49 -7.61 10.64 23.86
C ILE A 49 -8.21 9.76 22.76
N SER A 50 -9.35 9.15 23.02
CA SER A 50 -10.13 8.41 22.01
C SER A 50 -11.60 8.79 22.14
N GLY A 51 -12.36 8.27 21.19
CA GLY A 51 -13.81 8.20 21.37
C GLY A 51 -14.16 7.22 22.45
N ALA A 52 -15.46 7.03 22.64
CA ALA A 52 -15.95 6.20 23.75
C ALA A 52 -16.90 5.14 23.18
N GLY A 53 -16.76 3.94 23.67
CA GLY A 53 -17.77 2.91 23.47
C GLY A 53 -18.71 2.92 24.65
N ALA A 54 -19.96 2.59 24.41
CA ALA A 54 -20.95 2.64 25.49
C ALA A 54 -21.84 1.42 25.46
N THR A 55 -22.32 1.06 26.64
CA THR A 55 -23.35 0.01 26.79
C THR A 55 -24.25 0.45 27.95
N SER A 56 -25.45 -0.09 28.01
CA SER A 56 -26.37 0.24 29.12
C SER A 56 -27.33 -0.90 29.34
N TRP A 57 -27.93 -0.94 30.52
CA TRP A 57 -28.96 -1.97 30.82
C TRP A 57 -29.94 -1.38 31.82
N LEU A 58 -31.15 -1.93 31.80
CA LEU A 58 -32.21 -1.57 32.77
C LEU A 58 -32.28 -2.63 33.85
N ASP A 59 -32.26 -2.22 35.11
CA ASP A 59 -32.47 -3.20 36.21
C ASP A 59 -33.98 -3.43 36.38
N SER A 60 -34.33 -4.35 37.28
CA SER A 60 -35.76 -4.77 37.45
C SER A 60 -36.59 -3.62 38.00
N SER A 61 -35.98 -2.61 38.60
CA SER A 61 -36.72 -1.40 39.08
C SER A 61 -36.91 -0.36 37.98
N GLY A 62 -36.35 -0.59 36.77
CA GLY A 62 -36.45 0.41 35.68
C GLY A 62 -35.33 1.46 35.75
N GLN A 63 -34.31 1.26 36.55
CA GLN A 63 -33.17 2.21 36.65
C GLN A 63 -32.16 1.88 35.56
N ILE A 64 -31.81 2.86 34.75
CA ILE A 64 -30.76 2.69 33.70
C ILE A 64 -29.41 2.67 34.37
N HIS A 65 -28.51 1.81 33.86
CA HIS A 65 -27.10 1.77 34.22
C HIS A 65 -26.32 1.95 32.92
N ILE A 66 -25.30 2.79 32.94
CA ILE A 66 -24.53 3.07 31.71
C ILE A 66 -23.06 2.86 32.02
N ARG A 67 -22.33 2.28 31.06
CA ARG A 67 -20.88 2.15 31.16
C ARG A 67 -20.28 2.66 29.86
N VAL A 68 -19.28 3.54 30.00
CA VAL A 68 -18.60 4.20 28.86
C VAL A 68 -17.12 3.89 29.00
N TYR A 69 -16.48 3.54 27.89
CA TYR A 69 -15.08 3.09 27.82
C TYR A 69 -14.30 3.92 26.80
N ALA A 70 -13.20 4.49 27.22
CA ALA A 70 -12.34 5.31 26.36
C ALA A 70 -10.91 5.08 26.72
N ILE A 71 -10.00 5.63 25.95
CA ILE A 71 -8.57 5.64 26.29
C ILE A 71 -8.26 6.93 27.06
N GLY A 72 -7.72 6.78 28.26
CA GLY A 72 -7.38 7.97 29.06
C GLY A 72 -6.05 8.59 28.62
N THR A 73 -5.68 9.67 29.31
CA THR A 73 -4.51 10.46 28.92
C THR A 73 -3.22 9.72 29.28
N ASP A 74 -3.30 8.59 29.97
CA ASP A 74 -2.11 7.72 30.21
C ASP A 74 -2.04 6.51 29.26
N GLY A 75 -2.89 6.46 28.23
CA GLY A 75 -2.86 5.34 27.28
C GLY A 75 -3.62 4.13 27.78
N LYS A 76 -4.26 4.19 28.94
CA LYS A 76 -4.96 3.02 29.49
C LYS A 76 -6.47 3.22 29.41
N ILE A 77 -7.18 2.13 29.28
CA ILE A 77 -8.65 2.16 29.22
C ILE A 77 -9.21 2.76 30.50
N ILE A 78 -10.14 3.71 30.35
N ILE A 78 -10.14 3.71 30.35
CA ILE A 78 -10.92 4.28 31.47
CA ILE A 78 -10.92 4.28 31.47
C ILE A 78 -12.36 3.81 31.33
C ILE A 78 -12.36 3.80 31.33
N GLU A 79 -12.98 3.50 32.46
CA GLU A 79 -14.38 3.08 32.53
C GLU A 79 -15.13 4.15 33.35
N LEU A 80 -16.16 4.70 32.78
CA LEU A 80 -17.05 5.68 33.45
C LEU A 80 -18.42 5.05 33.65
N CYS A 81 -18.94 5.15 34.86
CA CYS A 81 -20.13 4.41 35.28
C CYS A 81 -21.24 5.36 35.79
N TRP A 82 -22.45 5.04 35.43
CA TRP A 82 -23.68 5.68 35.96
C TRP A 82 -24.59 4.55 36.45
N ASP A 83 -25.04 4.64 37.71
CA ASP A 83 -26.00 3.67 38.29
C ASP A 83 -27.28 4.34 38.77
N LYS A 84 -27.23 5.64 39.03
CA LYS A 84 -28.41 6.29 39.65
C LYS A 84 -28.31 7.80 39.51
N ASP A 85 -27.23 8.38 39.97
CA ASP A 85 -27.23 9.87 40.12
C ASP A 85 -25.85 10.49 40.00
N LYS A 86 -24.80 9.74 39.63
CA LYS A 86 -23.48 10.38 39.48
C LYS A 86 -22.58 9.47 38.62
N TRP A 87 -21.67 10.10 37.91
CA TRP A 87 -20.64 9.34 37.18
C TRP A 87 -19.46 9.06 38.08
N TYR A 88 -18.92 7.86 38.00
CA TYR A 88 -17.70 7.49 38.75
C TYR A 88 -16.81 6.59 37.90
N SER A 89 -15.53 6.59 38.24
CA SER A 89 -14.54 5.74 37.54
C SER A 89 -14.70 4.30 38.02
N GLY A 90 -14.91 3.35 37.11
CA GLY A 90 -15.09 1.94 37.45
C GLY A 90 -13.83 1.16 37.70
N ALA A 91 -13.98 -0.09 38.10
CA ALA A 91 -12.90 -1.01 38.42
C ALA A 91 -11.96 -1.28 37.24
N LEU A 92 -12.44 -1.17 36.01
CA LEU A 92 -11.56 -1.46 34.84
C LEU A 92 -10.49 -0.40 34.69
N THR A 93 -10.76 0.84 35.11
CA THR A 93 -9.90 1.98 34.81
C THR A 93 -8.45 1.69 35.22
N GLY A 94 -7.52 1.93 34.32
CA GLY A 94 -6.09 1.89 34.58
C GLY A 94 -5.49 0.49 34.53
N GLN A 95 -6.24 -0.55 34.26
CA GLN A 95 -5.69 -1.94 34.25
C GLN A 95 -4.94 -2.26 32.94
N PHE A 96 -5.42 -1.79 31.80
CA PHE A 96 -4.92 -2.25 30.50
C PHE A 96 -4.65 -1.08 29.56
N TYR A 97 -3.62 -1.24 28.75
CA TYR A 97 -3.34 -0.31 27.65
C TYR A 97 -4.35 -0.51 26.55
N GLY A 98 -4.82 0.59 25.96
CA GLY A 98 -5.71 0.55 24.80
C GLY A 98 -5.19 1.41 23.71
N ALA A 99 -5.25 0.91 22.49
CA ALA A 99 -4.69 1.58 21.32
C ALA A 99 -5.79 1.89 20.30
N SER A 100 -7.04 1.68 20.68
CA SER A 100 -8.21 1.84 19.81
C SER A 100 -9.39 2.28 20.68
N THR A 101 -10.37 2.92 20.08
CA THR A 101 -11.63 3.30 20.75
C THR A 101 -12.28 1.99 21.16
N PRO A 102 -12.52 1.76 22.45
CA PRO A 102 -13.04 0.44 22.85
C PRO A 102 -14.46 0.25 22.38
N ASP A 103 -14.78 -1.00 22.09
CA ASP A 103 -16.16 -1.46 21.88
C ASP A 103 -16.65 -2.14 23.16
N ALA A 104 -17.94 -2.07 23.39
CA ALA A 104 -18.50 -2.73 24.60
C ALA A 104 -19.89 -3.25 24.30
N THR A 105 -20.22 -4.38 24.93
CA THR A 105 -21.59 -4.93 24.91
C THR A 105 -21.86 -5.53 26.29
N SER A 106 -23.16 -5.75 26.60
CA SER A 106 -23.50 -6.26 27.94
C SER A 106 -24.84 -7.00 27.83
N TRP A 107 -25.07 -7.87 28.83
CA TRP A 107 -26.37 -8.56 28.95
C TRP A 107 -26.62 -8.89 30.41
N LEU A 108 -27.89 -9.05 30.75
CA LEU A 108 -28.33 -9.48 32.11
C LEU A 108 -28.64 -10.98 32.09
N ASP A 109 -28.11 -11.71 33.02
CA ASP A 109 -28.46 -13.16 33.17
C ASP A 109 -29.78 -13.27 33.95
N LYS A 110 -30.25 -14.50 34.13
CA LYS A 110 -31.54 -14.82 34.77
C LYS A 110 -31.57 -14.28 36.21
N ASN A 111 -30.43 -14.15 36.89
CA ASN A 111 -30.35 -13.68 38.29
C ASN A 111 -30.25 -12.16 38.36
N GLY A 112 -30.27 -11.47 37.23
CA GLY A 112 -30.12 -9.99 37.22
C GLY A 112 -28.67 -9.54 37.37
N GLN A 113 -27.70 -10.43 37.16
CA GLN A 113 -26.26 -10.08 37.19
C GLN A 113 -25.88 -9.58 35.79
N ILE A 114 -25.32 -8.39 35.72
CA ILE A 114 -24.80 -7.86 34.43
C ILE A 114 -23.50 -8.58 34.09
N HIS A 115 -23.32 -8.79 32.79
CA HIS A 115 -22.07 -9.28 32.17
C HIS A 115 -21.67 -8.24 31.13
N ILE A 116 -20.40 -7.84 31.16
CA ILE A 116 -19.89 -6.85 30.20
C ILE A 116 -18.68 -7.42 29.48
N ARG A 117 -18.60 -7.12 28.20
CA ARG A 117 -17.40 -7.46 27.41
C ARG A 117 -16.92 -6.18 26.71
N VAL A 118 -15.63 -5.91 26.86
CA VAL A 118 -15.00 -4.69 26.30
C VAL A 118 -13.87 -5.16 25.39
N TYR A 119 -13.74 -4.57 24.20
CA TYR A 119 -12.75 -5.02 23.20
C TYR A 119 -11.90 -3.82 22.79
N ALA A 120 -10.59 -4.01 22.78
CA ALA A 120 -9.68 -2.97 22.30
C ALA A 120 -8.35 -3.59 21.95
N TYR A 121 -7.65 -2.99 20.98
CA TYR A 121 -6.25 -3.35 20.77
C TYR A 121 -5.42 -2.94 21.99
N ASN A 122 -4.37 -3.68 22.27
CA ASN A 122 -3.41 -3.30 23.33
C ASN A 122 -2.10 -2.82 22.69
N GLN A 123 -1.12 -2.59 23.54
CA GLN A 123 0.14 -1.98 23.11
C GLN A 123 0.92 -2.91 22.14
N ASP A 124 0.65 -4.21 22.18
CA ASP A 124 1.29 -5.21 21.32
C ASP A 124 0.51 -5.41 20.02
N ASN A 125 -0.48 -4.58 19.73
CA ASN A 125 -1.33 -4.71 18.52
C ASN A 125 -2.09 -6.05 18.53
N VAL A 126 -2.54 -6.45 19.70
CA VAL A 126 -3.40 -7.63 19.87
C VAL A 126 -4.77 -7.13 20.29
N GLN A 127 -5.79 -7.64 19.58
CA GLN A 127 -7.17 -7.33 20.00
C GLN A 127 -7.48 -8.13 21.27
N LYS A 128 -7.85 -7.48 22.33
CA LYS A 128 -8.13 -8.12 23.61
C LYS A 128 -9.58 -7.95 23.97
N GLU A 129 -10.11 -8.93 24.72
CA GLU A 129 -11.45 -8.88 25.33
C GLU A 129 -11.28 -8.84 26.83
N TYR A 130 -11.93 -7.90 27.50
CA TYR A 130 -11.96 -7.80 28.95
C TYR A 130 -13.38 -8.09 29.41
N CYS A 131 -13.47 -8.94 30.44
CA CYS A 131 -14.76 -9.54 30.83
C CYS A 131 -15.10 -9.21 32.27
N TRP A 132 -16.35 -8.84 32.47
CA TRP A 132 -16.92 -8.65 33.83
C TRP A 132 -18.13 -9.55 33.95
N ASP A 133 -18.11 -10.40 35.02
CA ASP A 133 -19.28 -11.27 35.31
C ASP A 133 -19.72 -11.04 36.78
N GLY A 134 -19.22 -10.00 37.41
CA GLY A 134 -19.68 -9.61 38.75
C GLY A 134 -18.63 -9.64 39.83
N SER A 135 -17.40 -10.06 39.55
N SER A 135 -17.39 -10.07 39.56
CA SER A 135 -16.34 -10.15 40.59
CA SER A 135 -16.35 -10.07 40.62
C SER A 135 -15.12 -9.28 40.22
C SER A 135 -15.12 -9.26 40.23
N LYS A 136 -14.37 -9.69 39.21
CA LYS A 136 -13.14 -8.99 38.79
C LYS A 136 -13.12 -8.98 37.26
N TRP A 137 -12.45 -7.99 36.69
CA TRP A 137 -12.20 -8.03 35.23
C TRP A 137 -11.16 -9.09 34.95
N TYR A 138 -11.37 -9.84 33.87
CA TYR A 138 -10.37 -10.82 33.42
C TYR A 138 -10.28 -10.78 31.89
N VAL A 139 -9.16 -11.26 31.38
CA VAL A 139 -8.93 -11.32 29.93
C VAL A 139 -9.69 -12.53 29.40
N GLY A 140 -10.56 -12.33 28.42
CA GLY A 140 -11.41 -13.37 27.85
C GLY A 140 -10.72 -14.20 26.82
N ALA A 141 -11.44 -15.20 26.33
CA ALA A 141 -10.89 -16.14 25.32
C ALA A 141 -10.90 -15.57 23.91
N TYR A 142 -11.50 -14.39 23.70
CA TYR A 142 -11.61 -13.83 22.34
C TYR A 142 -10.22 -13.72 21.72
N THR A 143 -10.14 -14.15 20.48
CA THR A 143 -9.01 -13.91 19.56
C THR A 143 -9.57 -13.47 18.23
N GLU A 144 -8.79 -12.65 17.53
CA GLU A 144 -9.14 -12.23 16.18
C GLU A 144 -9.07 -13.45 15.23
N GLY B 2 -16.76 -2.96 16.25
CA GLY B 2 -18.11 -2.94 16.80
C GLY B 2 -18.45 -4.21 17.54
N ALA B 3 -19.27 -4.12 18.55
CA ALA B 3 -19.71 -5.30 19.33
C ALA B 3 -21.22 -5.26 19.46
N THR B 4 -21.89 -6.38 19.23
CA THR B 4 -23.33 -6.47 19.52
C THR B 4 -23.59 -7.87 20.08
N SER B 5 -24.68 -8.03 20.81
CA SER B 5 -24.95 -9.31 21.53
C SER B 5 -26.46 -9.40 21.71
N TRP B 6 -26.92 -10.65 21.87
CA TRP B 6 -28.36 -10.90 22.17
C TRP B 6 -28.46 -12.22 22.92
N LEU B 7 -29.54 -12.34 23.67
CA LEU B 7 -29.87 -13.61 24.38
C LEU B 7 -30.92 -14.35 23.57
N ASP B 8 -30.70 -15.65 23.36
CA ASP B 8 -31.73 -16.48 22.68
C ASP B 8 -32.78 -16.94 23.73
N GLY B 9 -33.71 -17.73 23.26
CA GLY B 9 -34.82 -18.21 24.07
C GLY B 9 -34.37 -19.12 25.21
N SER B 10 -33.17 -19.68 25.15
CA SER B 10 -32.60 -20.55 26.22
C SER B 10 -31.76 -19.75 27.20
N GLY B 11 -31.62 -18.42 26.99
CA GLY B 11 -30.78 -17.58 27.86
C GLY B 11 -29.30 -17.64 27.53
N GLN B 12 -28.96 -18.19 26.38
CA GLN B 12 -27.56 -18.28 25.92
C GLN B 12 -27.23 -16.94 25.23
N ILE B 13 -26.07 -16.38 25.62
CA ILE B 13 -25.54 -15.14 24.99
C ILE B 13 -24.94 -15.47 23.63
N HIS B 14 -25.14 -14.60 22.68
CA HIS B 14 -24.51 -14.63 21.35
C HIS B 14 -23.75 -13.32 21.22
N LEU B 15 -22.50 -13.39 20.83
CA LEU B 15 -21.68 -12.17 20.65
C LEU B 15 -21.28 -12.09 19.19
N ARG B 16 -21.22 -10.91 18.63
CA ARG B 16 -20.74 -10.69 17.26
C ARG B 16 -19.80 -9.48 17.33
N ILE B 17 -18.54 -9.70 16.95
CA ILE B 17 -17.50 -8.64 17.09
C ILE B 17 -16.98 -8.37 15.68
N TYR B 18 -17.06 -7.13 15.25
CA TYR B 18 -16.71 -6.70 13.88
C TYR B 18 -15.44 -5.86 13.92
N SER B 19 -14.50 -6.17 13.04
CA SER B 19 -13.21 -5.44 13.03
C SER B 19 -12.69 -5.34 11.61
N LEU B 20 -11.82 -4.38 11.37
CA LEU B 20 -11.18 -4.20 10.04
C LEU B 20 -9.85 -4.93 10.05
N GLN B 21 -9.66 -5.89 9.17
CA GLN B 21 -8.43 -6.70 9.18
C GLN B 21 -7.23 -5.90 8.61
N GLN B 22 -6.18 -5.84 9.40
CA GLN B 22 -4.94 -5.13 8.97
C GLN B 22 -4.36 -5.84 7.75
N SER B 23 -4.57 -7.14 7.58
CA SER B 23 -3.94 -7.94 6.49
C SER B 23 -4.60 -7.72 5.13
N ASN B 24 -5.90 -7.37 5.06
CA ASN B 24 -6.56 -7.35 3.73
C ASN B 24 -7.59 -6.22 3.60
N GLY B 25 -7.78 -5.36 4.60
CA GLY B 25 -8.70 -4.24 4.49
C GLY B 25 -10.17 -4.66 4.34
N LYS B 26 -10.46 -5.87 4.79
CA LYS B 26 -11.83 -6.41 4.81
C LYS B 26 -12.33 -6.59 6.21
N LEU B 27 -13.65 -6.44 6.38
CA LEU B 27 -14.26 -6.64 7.70
C LEU B 27 -14.24 -8.11 8.06
N LEU B 28 -13.95 -8.35 9.31
CA LEU B 28 -13.95 -9.68 9.98
C LEU B 28 -15.16 -9.70 10.89
N GLU B 29 -15.84 -10.83 11.00
CA GLU B 29 -16.89 -11.02 12.03
C GLU B 29 -16.46 -12.22 12.86
N ARG B 30 -16.32 -12.03 14.15
CA ARG B 30 -16.02 -13.10 15.10
C ARG B 30 -17.25 -13.36 15.93
N CYS B 31 -17.58 -14.62 16.10
CA CYS B 31 -18.88 -15.05 16.64
C CYS B 31 -18.69 -15.94 17.84
N TRP B 32 -19.53 -15.75 18.86
CA TRP B 32 -19.61 -16.66 20.02
C TRP B 32 -21.06 -17.07 20.15
N ASP B 33 -21.35 -18.37 20.12
CA ASP B 33 -22.72 -18.87 20.30
C ASP B 33 -22.85 -19.79 21.52
N SER B 34 -21.77 -20.39 21.99
CA SER B 34 -21.88 -21.42 23.06
C SER B 34 -20.57 -21.56 23.78
N ASN B 35 -19.50 -21.99 23.08
CA ASN B 35 -18.28 -22.34 23.79
C ASN B 35 -17.00 -22.02 23.01
N LYS B 36 -17.10 -21.36 21.88
CA LYS B 36 -15.90 -21.03 21.12
C LYS B 36 -16.17 -19.82 20.24
N TRP B 37 -15.05 -19.16 19.88
CA TRP B 37 -15.07 -18.13 18.84
C TRP B 37 -14.93 -18.75 17.46
N TYR B 38 -15.65 -18.27 16.49
CA TYR B 38 -15.47 -18.69 15.09
C TYR B 38 -15.68 -17.56 14.13
N ASP B 39 -15.22 -17.72 12.91
CA ASP B 39 -15.36 -16.70 11.88
C ASP B 39 -16.78 -16.73 11.33
N GLY B 40 -17.50 -15.62 11.34
CA GLY B 40 -18.83 -15.54 10.77
C GLY B 40 -18.86 -15.31 9.28
N ALA B 41 -20.01 -15.47 8.67
CA ALA B 41 -20.20 -15.39 7.22
C ALA B 41 -19.86 -14.03 6.64
N LEU B 42 -19.93 -12.94 7.43
N LEU B 42 -19.91 -12.94 7.44
CA LEU B 42 -19.61 -11.61 6.88
CA LEU B 42 -19.61 -11.61 6.88
C LEU B 42 -18.13 -11.54 6.49
C LEU B 42 -18.12 -11.55 6.49
N THR B 43 -17.30 -12.35 7.15
CA THR B 43 -15.83 -12.23 7.04
C THR B 43 -15.40 -12.24 5.58
N ASN B 44 -14.57 -11.27 5.21
CA ASN B 44 -13.86 -11.15 3.90
C ASN B 44 -14.81 -10.83 2.76
N GLN B 45 -16.07 -10.49 3.01
CA GLN B 45 -16.97 -10.12 1.92
C GLN B 45 -16.83 -8.66 1.51
N PHE B 46 -16.53 -7.77 2.47
N PHE B 46 -16.49 -7.78 2.46
CA PHE B 46 -16.60 -6.31 2.24
CA PHE B 46 -16.61 -6.33 2.25
C PHE B 46 -15.33 -5.59 2.68
C PHE B 46 -15.33 -5.60 2.67
N SER B 47 -14.86 -4.71 1.80
CA SER B 47 -13.72 -3.83 2.07
C SER B 47 -14.20 -2.59 2.81
N ALA B 48 -13.37 -2.08 3.71
CA ALA B 48 -13.63 -0.82 4.39
C ALA B 48 -12.32 -0.15 4.75
N ILE B 49 -12.43 1.11 5.18
CA ILE B 49 -11.26 1.91 5.61
C ILE B 49 -11.42 2.38 7.06
N SER B 50 -12.45 1.91 7.75
CA SER B 50 -12.61 2.21 9.19
C SER B 50 -12.97 0.93 9.93
N GLY B 51 -13.11 1.09 11.25
CA GLY B 51 -13.76 0.03 12.01
C GLY B 51 -15.25 0.04 11.72
N ALA B 52 -15.98 -0.75 12.46
CA ALA B 52 -17.41 -0.89 12.17
C ALA B 52 -18.20 -0.68 13.47
N GLY B 53 -19.30 0.00 13.34
CA GLY B 53 -20.30 0.04 14.40
C GLY B 53 -21.35 -0.99 14.16
N ALA B 54 -21.94 -1.52 15.20
CA ALA B 54 -22.92 -2.60 15.01
C ALA B 54 -24.13 -2.39 15.92
N THR B 55 -25.29 -2.79 15.43
CA THR B 55 -26.49 -2.89 16.29
C THR B 55 -27.26 -4.15 15.86
N SER B 56 -28.15 -4.67 16.71
CA SER B 56 -28.91 -5.87 16.36
C SER B 56 -30.22 -5.82 17.14
N TRP B 57 -31.19 -6.60 16.68
CA TRP B 57 -32.49 -6.72 17.38
C TRP B 57 -33.08 -8.09 17.07
N LEU B 58 -33.93 -8.56 17.98
CA LEU B 58 -34.67 -9.85 17.77
C LEU B 58 -36.10 -9.52 17.34
N ASP B 59 -36.57 -10.15 16.29
CA ASP B 59 -38.00 -10.05 15.91
C ASP B 59 -38.84 -11.00 16.77
N SER B 60 -40.17 -10.95 16.53
CA SER B 60 -41.14 -11.71 17.36
C SER B 60 -40.93 -13.23 17.19
N SER B 61 -40.29 -13.67 16.11
N SER B 61 -40.29 -13.67 16.11
CA SER B 61 -40.01 -15.10 15.87
CA SER B 61 -40.01 -15.10 15.86
C SER B 61 -38.71 -15.55 16.55
C SER B 61 -38.71 -15.54 16.54
N GLY B 62 -37.96 -14.64 17.18
CA GLY B 62 -36.66 -14.97 17.74
C GLY B 62 -35.50 -14.90 16.73
N GLN B 63 -35.74 -14.36 15.55
CA GLN B 63 -34.69 -14.22 14.51
C GLN B 63 -33.90 -12.93 14.80
N ILE B 64 -32.57 -13.07 14.86
CA ILE B 64 -31.68 -11.89 14.99
C ILE B 64 -31.59 -11.15 13.66
N HIS B 65 -31.54 -9.82 13.76
CA HIS B 65 -31.26 -8.89 12.63
C HIS B 65 -30.04 -8.07 13.05
N ILE B 66 -29.06 -7.94 12.17
CA ILE B 66 -27.80 -7.22 12.51
C ILE B 66 -27.57 -6.17 11.45
N ARG B 67 -27.11 -4.99 11.88
CA ARG B 67 -26.69 -3.93 10.97
C ARG B 67 -25.31 -3.46 11.38
N VAL B 68 -24.42 -3.40 10.41
CA VAL B 68 -22.99 -3.03 10.61
C VAL B 68 -22.71 -1.84 9.72
N TYR B 69 -22.02 -0.82 10.25
CA TYR B 69 -21.75 0.46 9.59
C TYR B 69 -20.26 0.75 9.58
N ALA B 70 -19.73 1.04 8.42
CA ALA B 70 -18.30 1.34 8.29
C ALA B 70 -18.12 2.37 7.21
N ILE B 71 -16.89 2.84 7.06
CA ILE B 71 -16.56 3.73 5.92
C ILE B 71 -16.02 2.87 4.78
N GLY B 72 -16.64 2.93 3.60
CA GLY B 72 -16.20 2.16 2.45
C GLY B 72 -15.00 2.77 1.75
N THR B 73 -14.57 2.10 0.69
CA THR B 73 -13.34 2.49 -0.04
C THR B 73 -13.57 3.76 -0.85
N ASP B 74 -14.80 4.27 -0.94
CA ASP B 74 -15.06 5.55 -1.61
C ASP B 74 -15.27 6.68 -0.60
N GLY B 75 -14.99 6.45 0.70
CA GLY B 75 -15.13 7.52 1.71
C GLY B 75 -16.55 7.65 2.19
N LYS B 76 -17.48 6.82 1.72
CA LYS B 76 -18.89 6.97 2.13
C LYS B 76 -19.28 5.85 3.08
N ILE B 77 -20.28 6.12 3.92
CA ILE B 77 -20.76 5.08 4.88
C ILE B 77 -21.34 3.91 4.09
N ILE B 78 -20.98 2.71 4.47
CA ILE B 78 -21.60 1.46 3.98
C ILE B 78 -22.39 0.83 5.11
N GLU B 79 -23.54 0.25 4.79
CA GLU B 79 -24.42 -0.46 5.72
C GLU B 79 -24.51 -1.91 5.27
N LEU B 80 -24.18 -2.84 6.15
CA LEU B 80 -24.23 -4.28 5.87
C LEU B 80 -25.31 -4.89 6.76
N CYS B 81 -26.16 -5.71 6.14
CA CYS B 81 -27.40 -6.17 6.76
C CYS B 81 -27.50 -7.70 6.78
N TRP B 82 -27.95 -8.23 7.91
CA TRP B 82 -28.28 -9.65 8.10
C TRP B 82 -29.70 -9.71 8.64
N ASP B 83 -30.59 -10.42 7.94
CA ASP B 83 -31.97 -10.64 8.46
C ASP B 83 -32.27 -12.14 8.66
N LYS B 84 -31.54 -13.03 8.02
CA LYS B 84 -31.92 -14.46 8.09
C LYS B 84 -30.76 -15.31 7.62
N ASP B 85 -30.25 -15.07 6.40
CA ASP B 85 -29.34 -16.08 5.82
C ASP B 85 -28.31 -15.49 4.87
N LYS B 86 -28.19 -14.16 4.78
CA LYS B 86 -27.19 -13.59 3.88
C LYS B 86 -26.86 -12.17 4.31
N TRP B 87 -25.63 -11.76 4.04
CA TRP B 87 -25.30 -10.33 4.21
C TRP B 87 -25.61 -9.58 2.92
N TYR B 88 -26.17 -8.39 3.00
CA TYR B 88 -26.41 -7.54 1.84
C TYR B 88 -26.19 -6.07 2.19
N SER B 89 -25.91 -5.27 1.18
CA SER B 89 -25.73 -3.81 1.32
C SER B 89 -27.08 -3.15 1.51
N GLY B 90 -27.25 -2.39 2.60
CA GLY B 90 -28.53 -1.71 2.90
C GLY B 90 -28.67 -0.38 2.18
N ALA B 91 -29.82 0.25 2.37
CA ALA B 91 -30.22 1.48 1.70
C ALA B 91 -29.33 2.67 2.10
N LEU B 92 -28.70 2.63 3.28
CA LEU B 92 -27.84 3.79 3.67
C LEU B 92 -26.59 3.85 2.82
N THR B 93 -26.12 2.72 2.29
CA THR B 93 -24.80 2.65 1.62
C THR B 93 -24.69 3.72 0.53
N GLY B 94 -23.59 4.42 0.52
CA GLY B 94 -23.24 5.37 -0.55
C GLY B 94 -23.90 6.73 -0.41
N GLN B 95 -24.73 7.00 0.59
CA GLN B 95 -25.48 8.28 0.65
C GLN B 95 -24.64 9.42 1.22
N PHE B 96 -23.81 9.14 2.22
CA PHE B 96 -23.15 10.22 2.99
C PHE B 96 -21.66 9.88 3.14
N TYR B 97 -20.85 10.94 3.12
CA TYR B 97 -19.42 10.80 3.43
C TYR B 97 -19.26 10.57 4.93
N GLY B 98 -18.34 9.69 5.29
CA GLY B 98 -17.98 9.49 6.72
C GLY B 98 -16.49 9.63 6.95
N ALA B 99 -16.13 10.21 8.09
CA ALA B 99 -14.74 10.51 8.43
C ALA B 99 -14.41 9.92 9.78
N SER B 100 -15.27 9.07 10.32
CA SER B 100 -15.03 8.43 11.63
C SER B 100 -15.70 7.06 11.62
N THR B 101 -15.28 6.14 12.49
CA THR B 101 -15.94 4.83 12.64
C THR B 101 -17.35 5.11 13.11
N PRO B 102 -18.41 4.74 12.34
CA PRO B 102 -19.74 5.01 12.78
C PRO B 102 -20.16 4.33 14.08
N ASP B 103 -20.99 5.05 14.84
CA ASP B 103 -21.70 4.47 15.98
C ASP B 103 -23.14 4.19 15.56
N ALA B 104 -23.76 3.21 16.15
CA ALA B 104 -25.17 2.90 15.81
C ALA B 104 -25.90 2.39 17.03
N THR B 105 -27.18 2.71 17.13
CA THR B 105 -28.10 2.12 18.12
C THR B 105 -29.45 1.91 17.43
N SER B 106 -30.31 1.09 18.04
CA SER B 106 -31.59 0.76 17.44
C SER B 106 -32.54 0.37 18.57
N TRP B 107 -33.84 0.44 18.23
CA TRP B 107 -34.90 0.00 19.19
C TRP B 107 -36.11 -0.39 18.36
N LEU B 108 -36.88 -1.33 18.93
CA LEU B 108 -38.16 -1.80 18.31
C LEU B 108 -39.33 -1.08 18.98
N ASP B 109 -40.20 -0.48 18.19
CA ASP B 109 -41.44 0.12 18.76
C ASP B 109 -42.49 -0.99 19.01
N LYS B 110 -43.64 -0.59 19.54
CA LYS B 110 -44.73 -1.52 19.95
C LYS B 110 -45.27 -2.26 18.71
N ASN B 111 -45.15 -1.72 17.52
CA ASN B 111 -45.64 -2.33 16.26
C ASN B 111 -44.60 -3.26 15.64
N GLY B 112 -43.41 -3.41 16.26
CA GLY B 112 -42.35 -4.24 15.69
C GLY B 112 -41.57 -3.54 14.57
N GLN B 113 -41.71 -2.21 14.43
CA GLN B 113 -40.91 -1.45 13.45
C GLN B 113 -39.57 -1.07 14.12
N ILE B 114 -38.47 -1.45 13.45
CA ILE B 114 -37.11 -1.05 13.93
C ILE B 114 -36.90 0.44 13.63
N HIS B 115 -36.23 1.09 14.56
CA HIS B 115 -35.69 2.45 14.42
C HIS B 115 -34.17 2.35 14.61
N ILE B 116 -33.44 2.96 13.72
CA ILE B 116 -31.94 2.95 13.79
C ILE B 116 -31.45 4.38 13.77
N ARG B 117 -30.41 4.63 14.55
CA ARG B 117 -29.71 5.92 14.52
C ARG B 117 -28.22 5.63 14.37
N VAL B 118 -27.61 6.22 13.36
CA VAL B 118 -26.18 6.06 13.02
C VAL B 118 -25.51 7.42 13.16
N TYR B 119 -24.32 7.46 13.77
CA TYR B 119 -23.63 8.74 14.02
C TYR B 119 -22.22 8.65 13.42
N ALA B 120 -21.82 9.70 12.71
CA ALA B 120 -20.46 9.75 12.16
C ALA B 120 -20.12 11.19 11.78
N TYR B 121 -18.87 11.58 11.93
CA TYR B 121 -18.42 12.83 11.28
C TYR B 121 -18.56 12.74 9.76
N ASN B 122 -18.84 13.87 9.11
CA ASN B 122 -18.85 13.97 7.65
C ASN B 122 -17.60 14.69 7.17
N GLN B 123 -17.59 14.99 5.89
CA GLN B 123 -16.38 15.53 5.24
C GLN B 123 -16.10 16.96 5.75
N ASP B 124 -17.11 17.63 6.27
CA ASP B 124 -16.98 19.01 6.79
C ASP B 124 -16.67 19.04 8.29
N ASN B 125 -16.28 17.90 8.86
CA ASN B 125 -15.95 17.81 10.32
C ASN B 125 -17.17 18.21 11.16
N VAL B 126 -18.36 17.79 10.73
CA VAL B 126 -19.61 17.94 11.52
C VAL B 126 -20.08 16.53 11.88
N GLN B 127 -20.42 16.34 13.14
CA GLN B 127 -21.08 15.11 13.61
C GLN B 127 -22.49 15.05 13.06
N LYS B 128 -22.82 13.98 12.35
CA LYS B 128 -24.16 13.84 11.74
C LYS B 128 -24.85 12.63 12.35
N GLU B 129 -26.17 12.72 12.48
CA GLU B 129 -27.04 11.56 12.82
C GLU B 129 -27.88 11.21 11.63
N TYR B 130 -27.88 9.94 11.26
CA TYR B 130 -28.72 9.42 10.15
C TYR B 130 -29.75 8.49 10.75
N CYS B 131 -31.00 8.69 10.33
CA CYS B 131 -32.17 8.10 11.02
C CYS B 131 -32.97 7.22 10.06
N TRP B 132 -33.33 6.04 10.53
CA TRP B 132 -34.24 5.11 9.86
C TRP B 132 -35.42 4.82 10.77
N ASP B 133 -36.64 5.07 10.22
CA ASP B 133 -37.87 4.73 10.96
C ASP B 133 -38.75 3.84 10.08
N GLY B 134 -38.26 3.32 8.99
CA GLY B 134 -38.97 2.33 8.16
C GLY B 134 -39.22 2.73 6.75
N SER B 135 -38.89 3.96 6.34
N SER B 135 -38.91 3.96 6.33
CA SER B 135 -39.16 4.43 4.97
CA SER B 135 -39.15 4.41 4.94
C SER B 135 -37.86 4.85 4.26
C SER B 135 -37.87 4.85 4.25
N LYS B 136 -37.26 5.94 4.69
CA LYS B 136 -36.02 6.46 4.04
C LYS B 136 -35.08 6.94 5.14
N TRP B 137 -33.80 6.92 4.86
CA TRP B 137 -32.82 7.54 5.78
C TRP B 137 -32.96 9.06 5.69
N TYR B 138 -32.91 9.72 6.82
CA TYR B 138 -32.89 11.18 6.88
C TYR B 138 -31.89 11.66 7.93
N VAL B 139 -31.43 12.88 7.73
CA VAL B 139 -30.52 13.53 8.70
C VAL B 139 -31.34 13.97 9.91
N GLY B 140 -30.93 13.54 11.11
CA GLY B 140 -31.61 13.81 12.36
C GLY B 140 -31.29 15.18 12.94
N ALA B 141 -31.94 15.49 14.05
CA ALA B 141 -31.79 16.78 14.75
C ALA B 141 -30.54 16.79 15.62
N TYR B 142 -29.85 15.63 15.77
CA TYR B 142 -28.68 15.61 16.65
C TYR B 142 -27.64 16.68 16.22
N THR B 143 -27.17 17.39 17.21
CA THR B 143 -25.95 18.21 17.17
C THR B 143 -25.15 17.94 18.42
N GLU B 144 -23.88 18.35 18.41
CA GLU B 144 -23.11 18.54 19.63
C GLU B 144 -23.67 19.68 20.50
N GLY C 2 4.52 9.27 4.26
CA GLY C 2 5.81 9.95 4.28
C GLY C 2 6.18 10.44 2.88
N ALA C 3 6.81 11.59 2.79
CA ALA C 3 7.29 12.13 1.49
C ALA C 3 8.73 12.58 1.69
N THR C 4 9.62 12.23 0.77
CA THR C 4 11.00 12.74 0.84
C THR C 4 11.43 12.97 -0.61
N SER C 5 12.42 13.82 -0.80
CA SER C 5 12.84 14.22 -2.16
C SER C 5 14.28 14.67 -2.12
N TRP C 6 14.94 14.62 -3.26
CA TRP C 6 16.33 15.10 -3.37
C TRP C 6 16.59 15.52 -4.81
N LEU C 7 17.54 16.43 -4.96
CA LEU C 7 17.98 16.89 -6.31
C LEU C 7 19.27 16.20 -6.68
N ASP C 8 19.34 15.69 -7.88
CA ASP C 8 20.63 15.11 -8.35
C ASP C 8 21.48 16.23 -8.94
N GLY C 9 22.67 15.87 -9.40
CA GLY C 9 23.65 16.83 -9.93
C GLY C 9 23.17 17.55 -11.17
N SER C 10 22.18 17.03 -11.89
CA SER C 10 21.61 17.67 -13.11
C SER C 10 20.45 18.61 -12.76
N GLY C 11 20.06 18.70 -11.48
CA GLY C 11 18.91 19.52 -11.10
C GLY C 11 17.57 18.81 -11.28
N GLN C 12 17.60 17.49 -11.50
CA GLN C 12 16.37 16.67 -11.58
C GLN C 12 15.92 16.32 -10.13
N ILE C 13 14.66 16.59 -9.87
CA ILE C 13 14.00 16.20 -8.58
C ILE C 13 13.67 14.70 -8.61
N HIS C 14 13.87 14.05 -7.49
CA HIS C 14 13.44 12.66 -7.26
C HIS C 14 12.49 12.71 -6.06
N LEU C 15 11.33 12.09 -6.21
CA LEU C 15 10.34 12.03 -5.09
C LEU C 15 10.16 10.58 -4.71
N ARG C 16 10.02 10.33 -3.41
CA ARG C 16 9.64 8.99 -2.90
C ARG C 16 8.49 9.21 -1.91
N ILE C 17 7.35 8.59 -2.20
CA ILE C 17 6.12 8.77 -1.38
C ILE C 17 5.77 7.42 -0.80
N TYR C 18 5.67 7.35 0.54
CA TYR C 18 5.44 6.09 1.30
C TYR C 18 4.05 6.11 1.90
N SER C 19 3.33 5.03 1.76
CA SER C 19 1.98 4.94 2.35
C SER C 19 1.68 3.49 2.72
N LEU C 20 0.70 3.31 3.61
CA LEU C 20 0.23 1.99 4.02
C LEU C 20 -0.90 1.56 3.09
N GLN C 21 -0.75 0.44 2.42
CA GLN C 21 -1.78 0.00 1.44
C GLN C 21 -3.00 -0.54 2.19
N GLN C 22 -4.16 0.06 1.86
CA GLN C 22 -5.43 -0.30 2.53
C GLN C 22 -5.75 -1.75 2.22
N SER C 23 -5.34 -2.28 1.08
CA SER C 23 -5.76 -3.62 0.63
C SER C 23 -4.86 -4.71 1.19
N ASN C 24 -3.62 -4.46 1.60
CA ASN C 24 -2.83 -5.60 2.14
C ASN C 24 -1.99 -5.30 3.41
N GLY C 25 -2.07 -4.10 3.94
CA GLY C 25 -1.34 -3.81 5.18
C GLY C 25 0.15 -3.74 4.98
N LYS C 26 0.59 -3.54 3.74
CA LYS C 26 2.04 -3.44 3.46
C LYS C 26 2.37 -2.03 3.02
N LEU C 27 3.59 -1.60 3.30
CA LEU C 27 4.02 -0.27 2.82
C LEU C 27 4.22 -0.27 1.31
N LEU C 28 3.76 0.80 0.70
CA LEU C 28 3.88 1.14 -0.73
C LEU C 28 4.91 2.22 -0.87
N GLU C 29 5.76 2.16 -1.90
CA GLU C 29 6.64 3.25 -2.28
C GLU C 29 6.34 3.65 -3.71
N ARG C 30 6.02 4.91 -3.91
CA ARG C 30 5.78 5.46 -5.28
C ARG C 30 6.95 6.39 -5.59
N CYS C 31 7.46 6.30 -6.80
CA CYS C 31 8.71 7.00 -7.19
C CYS C 31 8.47 7.92 -8.38
N TRP C 32 9.12 9.08 -8.33
CA TRP C 32 9.21 9.98 -9.49
C TRP C 32 10.68 10.28 -9.70
N ASP C 33 11.20 9.97 -10.89
CA ASP C 33 12.61 10.24 -11.20
C ASP C 33 12.75 11.16 -12.42
N SER C 34 11.73 11.28 -13.27
CA SER C 34 11.88 12.16 -14.49
C SER C 34 10.53 12.63 -14.96
N ASN C 35 9.65 11.72 -15.35
CA ASN C 35 8.40 12.14 -16.00
C ASN C 35 7.20 11.28 -15.69
N LYS C 36 7.31 10.34 -14.75
CA LYS C 36 6.15 9.53 -14.41
C LYS C 36 6.33 8.88 -13.04
N TRP C 37 5.18 8.52 -12.47
CA TRP C 37 5.13 7.77 -11.21
C TRP C 37 5.25 6.29 -11.48
N TYR C 38 6.00 5.59 -10.64
CA TYR C 38 6.11 4.12 -10.81
C TYR C 38 6.37 3.51 -9.43
N ASP C 39 6.26 2.18 -9.35
N ASP C 39 6.29 2.19 -9.39
CA ASP C 39 6.42 1.46 -8.08
CA ASP C 39 6.47 1.39 -8.17
C ASP C 39 7.89 1.31 -7.68
C ASP C 39 7.93 1.32 -7.70
N GLY C 40 8.19 1.60 -6.42
CA GLY C 40 9.48 1.39 -5.83
C GLY C 40 9.71 0.00 -5.29
N ALA C 41 10.98 -0.37 -5.10
CA ALA C 41 11.36 -1.71 -4.61
C ALA C 41 10.82 -2.00 -3.20
N LEU C 42 10.59 -0.98 -2.37
N LEU C 42 10.58 -0.99 -2.37
CA LEU C 42 10.13 -1.25 -1.00
CA LEU C 42 10.12 -1.24 -0.99
C LEU C 42 8.73 -1.87 -1.04
C LEU C 42 8.72 -1.86 -1.02
N THR C 43 7.94 -1.57 -2.07
CA THR C 43 6.54 -2.01 -2.14
C THR C 43 6.35 -3.50 -1.82
N ASN C 44 5.43 -3.78 -0.89
CA ASN C 44 4.97 -5.14 -0.50
C ASN C 44 6.01 -5.93 0.29
N GLN C 45 7.14 -5.35 0.67
CA GLN C 45 8.15 -6.11 1.46
C GLN C 45 7.78 -6.15 2.95
N PHE C 46 7.17 -5.09 3.47
CA PHE C 46 7.02 -4.97 4.95
C PHE C 46 5.59 -4.61 5.34
N SER C 47 5.08 -5.34 6.34
CA SER C 47 3.78 -5.04 6.96
C SER C 47 3.93 -3.92 7.98
N ALA C 48 2.89 -3.10 8.11
CA ALA C 48 2.83 -2.04 9.11
C ALA C 48 1.39 -1.82 9.50
N ILE C 49 1.21 -1.00 10.53
CA ILE C 49 -0.14 -0.68 11.04
C ILE C 49 -0.29 0.83 11.14
N SER C 50 0.66 1.59 10.63
CA SER C 50 0.54 3.07 10.53
C SER C 50 1.03 3.51 9.15
N GLY C 51 0.94 4.81 8.94
CA GLY C 51 1.69 5.39 7.83
C GLY C 51 3.17 5.41 8.14
N ALA C 52 3.95 6.05 7.28
CA ALA C 52 5.40 6.04 7.41
C ALA C 52 5.90 7.48 7.41
N GLY C 53 6.88 7.75 8.24
CA GLY C 53 7.68 8.96 8.14
C GLY C 53 8.93 8.64 7.37
N ALA C 54 9.42 9.58 6.60
CA ALA C 54 10.62 9.31 5.79
C ALA C 54 11.58 10.48 5.85
N THR C 55 12.86 10.18 5.74
CA THR C 55 13.92 11.19 5.60
C THR C 55 14.97 10.62 4.67
N SER C 56 15.75 11.47 4.05
CA SER C 56 16.79 10.97 3.13
C SER C 56 17.93 11.96 3.14
N TRP C 57 19.09 11.51 2.66
CA TRP C 57 20.25 12.43 2.52
C TRP C 57 21.11 11.91 1.37
N LEU C 58 21.84 12.85 0.78
CA LEU C 58 22.86 12.53 -0.26
C LEU C 58 24.24 12.48 0.37
N ASP C 59 25.00 11.42 0.16
CA ASP C 59 26.41 11.40 0.62
C ASP C 59 27.28 12.14 -0.42
N SER C 60 28.54 12.27 -0.10
CA SER C 60 29.52 13.04 -0.90
C SER C 60 29.71 12.40 -2.27
N SER C 61 29.38 11.12 -2.45
CA SER C 61 29.46 10.47 -3.78
C SER C 61 28.19 10.70 -4.62
N GLY C 62 27.16 11.34 -4.06
CA GLY C 62 25.86 11.49 -4.77
C GLY C 62 24.93 10.28 -4.62
N GLN C 63 25.23 9.37 -3.72
CA GLN C 63 24.34 8.22 -3.40
C GLN C 63 23.26 8.68 -2.39
N ILE C 64 22.02 8.44 -2.73
CA ILE C 64 20.86 8.70 -1.83
C ILE C 64 20.81 7.60 -0.77
N HIS C 65 20.49 8.01 0.45
CA HIS C 65 20.18 7.14 1.59
C HIS C 65 18.78 7.50 2.06
N ILE C 66 17.97 6.49 2.32
CA ILE C 66 16.56 6.74 2.73
C ILE C 66 16.35 5.96 4.02
N ARG C 67 15.60 6.57 4.92
CA ARG C 67 15.12 5.88 6.14
C ARG C 67 13.62 6.13 6.27
N VAL C 68 12.89 5.05 6.45
CA VAL C 68 11.43 5.05 6.58
C VAL C 68 11.08 4.47 7.95
N TYR C 69 10.12 5.08 8.64
CA TYR C 69 9.75 4.71 10.03
C TYR C 69 8.24 4.51 10.08
N ALA C 70 7.82 3.38 10.58
CA ALA C 70 6.40 3.06 10.73
C ALA C 70 6.20 2.26 11.98
N ILE C 71 4.94 1.98 12.31
CA ILE C 71 4.63 1.06 13.43
C ILE C 71 4.45 -0.34 12.86
N GLY C 72 5.21 -1.29 13.34
CA GLY C 72 5.09 -2.69 12.87
C GLY C 72 3.91 -3.41 13.47
N THR C 73 3.77 -4.65 13.08
CA THR C 73 2.59 -5.45 13.45
C THR C 73 2.68 -5.89 14.92
N ASP C 74 3.80 -5.62 15.59
CA ASP C 74 3.92 -5.89 17.04
C ASP C 74 3.77 -4.61 17.85
N GLY C 75 3.33 -3.49 17.25
CA GLY C 75 3.16 -2.23 18.01
C GLY C 75 4.45 -1.50 18.22
N LYS C 76 5.57 -1.95 17.68
CA LYS C 76 6.87 -1.30 17.88
C LYS C 76 7.32 -0.60 16.60
N ILE C 77 8.12 0.45 16.74
CA ILE C 77 8.63 1.19 15.58
C ILE C 77 9.53 0.27 14.75
N ILE C 78 9.31 0.28 13.44
N ILE C 78 9.31 0.29 13.44
CA ILE C 78 10.21 -0.39 12.46
CA ILE C 78 10.20 -0.40 12.45
C ILE C 78 10.92 0.69 11.66
C ILE C 78 10.91 0.68 11.65
N GLU C 79 12.19 0.45 11.38
CA GLU C 79 13.03 1.33 10.55
C GLU C 79 13.45 0.56 9.30
N LEU C 80 13.15 1.11 8.14
CA LEU C 80 13.55 0.50 6.85
C LEU C 80 14.57 1.40 6.19
N CYS C 81 15.65 0.79 5.71
CA CYS C 81 16.83 1.51 5.25
C CYS C 81 17.19 1.18 3.81
N TRP C 82 17.56 2.19 3.07
CA TRP C 82 18.16 2.06 1.71
C TRP C 82 19.46 2.83 1.72
N ASP C 83 20.56 2.19 1.33
CA ASP C 83 21.89 2.83 1.21
C ASP C 83 22.45 2.73 -0.21
N LYS C 84 21.99 1.79 -1.00
CA LYS C 84 22.64 1.54 -2.31
C LYS C 84 21.72 0.74 -3.21
N ASP C 85 21.32 -0.46 -2.79
CA ASP C 85 20.64 -1.38 -3.75
C ASP C 85 19.63 -2.29 -3.12
N LYS C 86 19.32 -2.13 -1.81
CA LYS C 86 18.33 -3.02 -1.19
C LYS C 86 17.80 -2.40 0.10
N TRP C 87 16.58 -2.75 0.41
CA TRP C 87 15.96 -2.35 1.70
C TRP C 87 16.32 -3.34 2.78
N TYR C 88 16.64 -2.84 3.97
CA TYR C 88 16.90 -3.70 5.15
C TYR C 88 16.33 -3.05 6.40
N SER C 89 16.03 -3.86 7.38
CA SER C 89 15.54 -3.40 8.71
C SER C 89 16.69 -2.84 9.51
N GLY C 90 16.56 -1.60 9.97
CA GLY C 90 17.62 -0.91 10.71
C GLY C 90 17.68 -1.26 12.19
N ALA C 91 18.66 -0.69 12.86
CA ALA C 91 18.94 -0.92 14.30
C ALA C 91 17.78 -0.42 15.17
N LEU C 92 16.99 0.55 14.73
CA LEU C 92 15.89 1.06 15.60
C LEU C 92 14.80 0.01 15.76
N THR C 93 14.62 -0.87 14.78
CA THR C 93 13.46 -1.77 14.72
C THR C 93 13.31 -2.54 16.02
N GLY C 94 12.09 -2.55 16.54
CA GLY C 94 11.73 -3.42 17.68
C GLY C 94 12.15 -2.86 19.04
N GLN C 95 12.76 -1.68 19.13
CA GLN C 95 13.24 -1.15 20.44
C GLN C 95 12.13 -0.46 21.23
N PHE C 96 11.20 0.24 20.58
CA PHE C 96 10.26 1.12 21.26
C PHE C 96 8.84 0.92 20.75
N TYR C 97 7.88 0.98 21.66
CA TYR C 97 6.47 1.00 21.25
C TYR C 97 6.13 2.35 20.63
N GLY C 98 5.31 2.33 19.57
CA GLY C 98 4.81 3.50 18.92
C GLY C 98 3.32 3.44 18.74
N ALA C 99 2.67 4.57 18.87
CA ALA C 99 1.21 4.66 18.86
C ALA C 99 0.77 5.67 17.82
N SER C 100 1.69 6.18 17.00
CA SER C 100 1.37 7.24 16.02
C SER C 100 2.28 7.02 14.81
N THR C 101 1.91 7.52 13.64
CA THR C 101 2.82 7.55 12.48
C THR C 101 4.04 8.33 12.89
N PRO C 102 5.24 7.74 12.88
CA PRO C 102 6.44 8.48 13.28
C PRO C 102 6.78 9.61 12.33
N ASP C 103 7.32 10.67 12.91
CA ASP C 103 7.95 11.77 12.16
C ASP C 103 9.46 11.59 12.20
N ALA C 104 10.13 12.03 11.14
CA ALA C 104 11.59 11.92 11.14
C ALA C 104 12.21 13.09 10.44
N THR C 105 13.39 13.50 10.91
CA THR C 105 14.23 14.48 10.21
C THR C 105 15.68 14.04 10.35
N SER C 106 16.54 14.61 9.49
CA SER C 106 17.96 14.20 9.53
C SER C 106 18.80 15.33 8.98
N TRP C 107 20.07 15.32 9.35
CA TRP C 107 21.04 16.31 8.80
C TRP C 107 22.42 15.68 8.81
N LEU C 108 23.25 16.14 7.86
CA LEU C 108 24.66 15.70 7.74
C LEU C 108 25.57 16.75 8.39
N ASP C 109 26.44 16.32 9.28
CA ASP C 109 27.45 17.24 9.87
C ASP C 109 28.62 17.39 8.88
N LYS C 110 29.58 18.22 9.25
CA LYS C 110 30.75 18.59 8.39
C LYS C 110 31.59 17.36 8.09
N ASN C 111 31.56 16.33 8.94
CA ASN C 111 32.36 15.09 8.74
C ASN C 111 31.61 14.08 7.90
N GLY C 112 30.39 14.39 7.42
CA GLY C 112 29.59 13.43 6.65
C GLY C 112 28.88 12.39 7.53
N GLN C 113 28.78 12.63 8.83
CA GLN C 113 28.02 11.74 9.74
C GLN C 113 26.55 12.20 9.73
N ILE C 114 25.67 11.27 9.40
CA ILE C 114 24.22 11.55 9.48
C ILE C 114 23.79 11.57 10.95
N HIS C 115 22.84 12.45 11.25
CA HIS C 115 22.11 12.53 12.52
C HIS C 115 20.63 12.37 12.17
N ILE C 116 19.94 11.54 12.91
CA ILE C 116 18.49 11.31 12.67
C ILE C 116 17.75 11.54 13.97
N ARG C 117 16.57 12.12 13.86
CA ARG C 117 15.65 12.26 15.02
C ARG C 117 14.29 11.72 14.57
N VAL C 118 13.73 10.84 15.35
CA VAL C 118 12.43 10.18 15.10
C VAL C 118 11.52 10.51 16.26
N TYR C 119 10.26 10.87 15.98
CA TYR C 119 9.31 11.27 17.02
C TYR C 119 8.07 10.43 16.93
N ALA C 120 7.59 9.90 18.04
CA ALA C 120 6.33 9.15 18.04
C ALA C 120 5.78 9.09 19.45
N TYR C 121 4.45 9.00 19.57
CA TYR C 121 3.85 8.66 20.87
C TYR C 121 4.22 7.25 21.23
N ASN C 122 4.38 6.99 22.53
CA ASN C 122 4.53 5.60 23.01
C ASN C 122 3.24 5.12 23.66
N GLN C 123 3.35 3.93 24.29
CA GLN C 123 2.18 3.25 24.84
C GLN C 123 1.58 4.04 26.00
N ASP C 124 2.38 4.90 26.64
CA ASP C 124 1.89 5.72 27.78
C ASP C 124 1.39 7.08 27.33
N ASN C 125 1.15 7.25 26.00
CA ASN C 125 0.66 8.54 25.45
C ASN C 125 1.68 9.64 25.73
N VAL C 126 2.96 9.32 25.66
CA VAL C 126 4.02 10.35 25.78
C VAL C 126 4.71 10.46 24.42
N GLN C 127 4.90 11.68 23.98
CA GLN C 127 5.66 11.94 22.74
C GLN C 127 7.14 11.74 23.03
N LYS C 128 7.79 10.84 22.31
N LYS C 128 7.78 10.82 22.32
CA LYS C 128 9.20 10.52 22.55
CA LYS C 128 9.20 10.51 22.55
C LYS C 128 10.03 10.88 21.32
C LYS C 128 10.03 10.88 21.32
N GLU C 129 11.28 11.24 21.54
CA GLU C 129 12.29 11.48 20.50
C GLU C 129 13.35 10.42 20.60
N TYR C 130 13.67 9.76 19.50
CA TYR C 130 14.74 8.77 19.40
C TYR C 130 15.83 9.36 18.50
N CYS C 131 17.07 9.25 18.94
CA CYS C 131 18.19 9.96 18.34
C CYS C 131 19.28 9.00 17.86
N TRP C 132 19.75 9.26 16.65
CA TRP C 132 20.94 8.56 16.09
C TRP C 132 21.97 9.61 15.74
N ASP C 133 23.21 9.41 16.28
CA ASP C 133 24.36 10.25 15.95
C ASP C 133 25.51 9.40 15.44
N GLY C 134 25.27 8.13 15.18
CA GLY C 134 26.28 7.26 14.54
C GLY C 134 26.66 6.06 15.35
N SER C 135 26.19 5.88 16.58
CA SER C 135 26.59 4.68 17.37
C SER C 135 25.37 3.85 17.78
N LYS C 136 24.52 4.39 18.63
CA LYS C 136 23.33 3.67 19.13
C LYS C 136 22.17 4.65 19.17
N TRP C 137 20.97 4.13 19.03
CA TRP C 137 19.77 4.95 19.27
C TRP C 137 19.68 5.26 20.78
N TYR C 138 19.29 6.49 21.08
CA TYR C 138 19.03 6.86 22.49
C TYR C 138 17.80 7.76 22.54
N VAL C 139 17.19 7.81 23.74
CA VAL C 139 16.04 8.69 23.96
C VAL C 139 16.55 10.10 24.16
N GLY C 140 16.05 11.05 23.35
CA GLY C 140 16.43 12.44 23.39
C GLY C 140 15.75 13.24 24.50
N ALA C 141 16.16 14.50 24.57
CA ALA C 141 15.64 15.45 25.57
C ALA C 141 14.26 15.98 25.22
N TYR C 142 13.76 15.73 24.01
CA TYR C 142 12.48 16.31 23.59
C TYR C 142 11.39 15.96 24.60
N THR C 143 10.62 17.00 24.90
CA THR C 143 9.33 16.90 25.60
C THR C 143 8.34 17.77 24.89
N GLU C 144 7.08 17.35 24.99
CA GLU C 144 5.96 18.09 24.41
C GLU C 144 5.75 19.36 25.20
N GLY D 2 4.66 16.56 12.72
CA GLY D 2 5.63 16.90 11.64
C GLY D 2 6.95 17.31 12.23
N ALA D 3 8.05 16.96 11.56
CA ALA D 3 9.40 17.38 12.01
C ALA D 3 10.09 18.01 10.83
N THR D 4 10.76 19.13 11.06
CA THR D 4 11.65 19.70 10.02
C THR D 4 12.89 20.23 10.73
N SER D 5 13.98 20.44 9.97
CA SER D 5 15.26 20.87 10.59
C SER D 5 16.07 21.56 9.49
N TRP D 6 17.01 22.39 9.91
CA TRP D 6 17.95 23.05 9.01
C TRP D 6 19.23 23.33 9.78
N LEU D 7 20.33 23.43 9.05
CA LEU D 7 21.64 23.83 9.61
C LEU D 7 21.90 25.29 9.30
N ASP D 8 22.31 26.05 10.32
CA ASP D 8 22.68 27.46 10.06
C ASP D 8 24.15 27.49 9.57
N GLY D 9 24.63 28.69 9.33
CA GLY D 9 25.98 28.90 8.77
C GLY D 9 27.09 28.44 9.70
N SER D 10 26.80 28.30 11.01
N SER D 10 26.81 28.30 11.00
CA SER D 10 27.79 27.81 12.01
CA SER D 10 27.79 27.81 12.01
C SER D 10 27.75 26.28 12.14
C SER D 10 27.76 26.28 12.14
N GLY D 11 26.85 25.60 11.44
CA GLY D 11 26.71 24.15 11.57
C GLY D 11 25.85 23.74 12.79
N GLN D 12 25.12 24.69 13.34
CA GLN D 12 24.17 24.39 14.45
C GLN D 12 22.83 23.92 13.84
N ILE D 13 22.35 22.78 14.31
CA ILE D 13 21.02 22.25 13.90
C ILE D 13 19.90 23.03 14.61
N HIS D 14 18.83 23.27 13.86
CA HIS D 14 17.58 23.85 14.38
C HIS D 14 16.50 22.82 14.11
N LEU D 15 15.70 22.49 15.11
CA LEU D 15 14.61 21.49 14.96
C LEU D 15 13.30 22.20 15.20
N ARG D 16 12.28 21.86 14.44
CA ARG D 16 10.92 22.36 14.69
C ARG D 16 9.97 21.17 14.60
N ILE D 17 9.24 20.91 15.69
CA ILE D 17 8.39 19.71 15.82
C ILE D 17 6.96 20.19 16.03
N TYR D 18 6.06 19.77 15.16
CA TYR D 18 4.66 20.25 15.15
C TYR D 18 3.73 19.12 15.54
N SER D 19 2.83 19.39 16.46
CA SER D 19 1.90 18.35 16.96
C SER D 19 0.56 19.00 17.34
N LEU D 20 -0.48 18.19 17.36
CA LEU D 20 -1.84 18.61 17.72
C LEU D 20 -2.02 18.36 19.21
N GLN D 21 -2.37 19.41 19.95
CA GLN D 21 -2.56 19.30 21.41
C GLN D 21 -3.86 18.59 21.71
N GLN D 22 -3.74 17.52 22.49
CA GLN D 22 -4.93 16.74 22.90
C GLN D 22 -5.79 17.63 23.78
N SER D 23 -5.27 18.60 24.49
CA SER D 23 -6.04 19.41 25.46
C SER D 23 -6.86 20.50 24.80
N ASN D 24 -6.45 21.07 23.65
CA ASN D 24 -7.18 22.25 23.13
C ASN D 24 -7.39 22.20 21.59
N GLY D 25 -6.98 21.14 20.91
CA GLY D 25 -7.22 21.04 19.48
C GLY D 25 -6.42 22.04 18.66
N LYS D 26 -5.35 22.60 19.23
CA LYS D 26 -4.53 23.60 18.53
C LYS D 26 -3.14 23.03 18.28
N LEU D 27 -2.52 23.49 17.21
CA LEU D 27 -1.16 23.03 16.92
C LEU D 27 -0.16 23.66 17.90
N LEU D 28 0.80 22.86 18.29
CA LEU D 28 1.97 23.19 19.13
C LEU D 28 3.18 23.17 18.24
N GLU D 29 4.08 24.13 18.43
CA GLU D 29 5.42 24.09 17.81
C GLU D 29 6.44 24.01 18.94
N ARG D 30 7.28 22.98 18.91
CA ARG D 30 8.41 22.85 19.84
C ARG D 30 9.69 23.08 19.08
N CYS D 31 10.58 23.86 19.66
CA CYS D 31 11.78 24.39 18.95
C CYS D 31 13.05 24.04 19.70
N TRP D 32 14.08 23.68 18.93
CA TRP D 32 15.45 23.49 19.46
C TRP D 32 16.38 24.32 18.60
N ASP D 33 17.17 25.21 19.25
CA ASP D 33 18.11 26.06 18.49
C ASP D 33 19.55 25.83 18.96
N SER D 34 19.77 25.33 20.16
CA SER D 34 21.13 25.17 20.73
C SER D 34 21.11 24.18 21.87
N ASN D 35 20.33 24.42 22.91
CA ASN D 35 20.51 23.60 24.11
C ASN D 35 19.24 23.31 24.87
N LYS D 36 18.08 23.73 24.37
CA LYS D 36 16.85 23.42 25.12
C LYS D 36 15.64 23.52 24.20
N TRP D 37 14.62 22.78 24.57
CA TRP D 37 13.33 22.83 23.87
C TRP D 37 12.47 23.97 24.41
N TYR D 38 11.80 24.70 23.53
CA TYR D 38 10.88 25.74 23.96
C TYR D 38 9.66 25.79 23.02
N ASP D 39 8.61 26.45 23.48
CA ASP D 39 7.40 26.60 22.66
C ASP D 39 7.60 27.71 21.63
N GLY D 40 7.37 27.43 20.35
CA GLY D 40 7.47 28.38 19.28
C GLY D 40 6.26 29.25 19.10
N ALA D 41 6.40 30.31 18.32
CA ALA D 41 5.35 31.32 18.10
C ALA D 41 4.12 30.74 17.42
N LEU D 42 4.22 29.61 16.69
CA LEU D 42 3.01 29.08 16.04
C LEU D 42 2.03 28.60 17.11
N THR D 43 2.50 28.21 18.27
CA THR D 43 1.70 27.54 19.31
C THR D 43 0.39 28.30 19.58
N ASN D 44 -0.74 27.57 19.51
CA ASN D 44 -2.10 28.03 19.86
C ASN D 44 -2.67 29.03 18.89
N GLN D 45 -2.01 29.30 17.76
CA GLN D 45 -2.58 30.23 16.75
C GLN D 45 -3.58 29.56 15.83
N PHE D 46 -3.50 28.24 15.63
CA PHE D 46 -4.36 27.54 14.66
C PHE D 46 -4.92 26.24 15.22
N SER D 47 -6.21 26.04 15.02
CA SER D 47 -6.91 24.78 15.37
C SER D 47 -6.74 23.80 14.23
N ALA D 48 -6.69 22.52 14.54
CA ALA D 48 -6.69 21.44 13.53
C ALA D 48 -7.33 20.18 14.11
N ILE D 49 -7.55 19.21 13.22
CA ILE D 49 -8.12 17.91 13.60
C ILE D 49 -7.21 16.77 13.15
N SER D 50 -6.01 17.10 12.68
CA SER D 50 -5.01 16.05 12.37
C SER D 50 -3.65 16.49 12.94
N GLY D 51 -2.69 15.63 12.78
CA GLY D 51 -1.30 16.08 12.92
C GLY D 51 -0.88 16.96 11.78
N ALA D 52 0.38 17.28 11.73
CA ALA D 52 0.86 18.29 10.78
C ALA D 52 2.05 17.69 10.05
N GLY D 53 2.10 17.92 8.77
CA GLY D 53 3.31 17.71 7.98
C GLY D 53 4.06 18.99 7.87
N ALA D 54 5.37 18.94 7.81
CA ALA D 54 6.18 20.17 7.75
C ALA D 54 7.30 20.03 6.72
N THR D 55 7.61 21.12 6.06
CA THR D 55 8.83 21.23 5.23
C THR D 55 9.43 22.61 5.45
N SER D 56 10.71 22.77 5.09
CA SER D 56 11.35 24.09 5.29
C SER D 56 12.48 24.20 4.26
N TRP D 57 12.90 25.43 4.03
CA TRP D 57 14.07 25.66 3.14
C TRP D 57 14.75 26.93 3.60
N LEU D 58 16.04 27.02 3.25
CA LEU D 58 16.84 28.26 3.48
C LEU D 58 16.97 29.01 2.17
N ASP D 59 16.69 30.30 2.19
CA ASP D 59 16.93 31.14 0.99
C ASP D 59 18.43 31.56 0.94
N SER D 60 18.79 32.27 -0.11
CA SER D 60 20.20 32.66 -0.37
C SER D 60 20.70 33.60 0.72
N SER D 61 19.82 34.27 1.45
CA SER D 61 20.22 35.16 2.57
C SER D 61 20.40 34.39 3.87
N GLY D 62 20.08 33.08 3.90
CA GLY D 62 20.14 32.31 5.15
C GLY D 62 18.84 32.43 5.97
N GLN D 63 17.77 32.95 5.40
CA GLN D 63 16.45 33.06 6.11
C GLN D 63 15.71 31.73 5.93
N ILE D 64 15.29 31.16 7.05
CA ILE D 64 14.46 29.91 7.03
C ILE D 64 13.04 30.28 6.60
N HIS D 65 12.44 29.40 5.81
CA HIS D 65 11.02 29.44 5.45
C HIS D 65 10.44 28.11 5.88
N ILE D 66 9.27 28.14 6.51
CA ILE D 66 8.65 26.90 7.01
C ILE D 66 7.22 26.87 6.50
N ARG D 67 6.79 25.69 6.10
CA ARG D 67 5.39 25.44 5.72
C ARG D 67 4.90 24.23 6.47
N VAL D 68 3.73 24.37 7.08
CA VAL D 68 3.11 23.34 7.93
C VAL D 68 1.72 23.09 7.35
N TYR D 69 1.35 21.80 7.24
CA TYR D 69 0.08 21.39 6.61
C TYR D 69 -0.70 20.48 7.56
N ALA D 70 -1.96 20.79 7.77
CA ALA D 70 -2.81 20.01 8.68
C ALA D 70 -4.21 20.01 8.10
N ILE D 71 -5.07 19.22 8.70
CA ILE D 71 -6.53 19.31 8.37
C ILE D 71 -7.20 20.29 9.35
N GLY D 72 -7.83 21.33 8.83
CA GLY D 72 -8.49 22.30 9.70
C GLY D 72 -9.84 21.86 10.18
N THR D 73 -10.47 22.72 10.95
CA THR D 73 -11.72 22.36 11.66
C THR D 73 -12.88 22.34 10.68
N ASP D 74 -12.69 22.69 9.43
CA ASP D 74 -13.73 22.55 8.35
C ASP D 74 -13.47 21.31 7.49
N GLY D 75 -12.51 20.45 7.87
CA GLY D 75 -12.22 19.24 7.08
C GLY D 75 -11.30 19.54 5.90
N LYS D 76 -10.83 20.77 5.71
CA LYS D 76 -10.01 21.13 4.57
C LYS D 76 -8.58 21.35 4.98
N ILE D 77 -7.66 21.13 4.04
CA ILE D 77 -6.22 21.33 4.33
C ILE D 77 -5.96 22.79 4.65
N ILE D 78 -5.21 23.04 5.73
N ILE D 78 -5.21 23.04 5.72
CA ILE D 78 -4.72 24.40 6.08
CA ILE D 78 -4.71 24.39 6.10
C ILE D 78 -3.20 24.41 5.88
C ILE D 78 -3.20 24.41 5.89
N GLU D 79 -2.70 25.51 5.36
CA GLU D 79 -1.26 25.75 5.17
C GLU D 79 -0.84 26.92 6.05
N LEU D 80 0.16 26.69 6.88
CA LEU D 80 0.70 27.74 7.81
C LEU D 80 2.12 28.05 7.36
N CYS D 81 2.40 29.33 7.23
CA CYS D 81 3.64 29.83 6.61
C CYS D 81 4.44 30.73 7.52
N TRP D 82 5.75 30.52 7.54
CA TRP D 82 6.73 31.42 8.17
C TRP D 82 7.77 31.78 7.12
N ASP D 83 8.00 33.09 6.91
CA ASP D 83 9.02 33.62 5.99
C ASP D 83 10.03 34.51 6.72
N LYS D 84 9.69 35.05 7.87
CA LYS D 84 10.61 36.04 8.50
C LYS D 84 10.28 36.20 9.98
N ASP D 85 9.04 36.59 10.29
CA ASP D 85 8.73 37.05 11.66
C ASP D 85 7.29 36.84 12.05
N LYS D 86 6.50 36.12 11.25
CA LYS D 86 5.11 35.88 11.62
C LYS D 86 4.57 34.67 10.88
N TRP D 87 3.64 33.99 11.53
CA TRP D 87 2.90 32.91 10.86
C TRP D 87 1.67 33.44 10.16
N TYR D 88 1.42 32.98 8.97
CA TYR D 88 0.20 33.36 8.23
C TYR D 88 -0.38 32.17 7.47
N SER D 89 -1.67 32.24 7.18
CA SER D 89 -2.37 31.19 6.41
C SER D 89 -2.02 31.34 4.94
N GLY D 90 -1.51 30.29 4.31
CA GLY D 90 -1.08 30.34 2.91
C GLY D 90 -2.21 30.14 1.91
N ALA D 91 -1.85 30.21 0.64
CA ALA D 91 -2.80 30.12 -0.49
C ALA D 91 -3.49 28.74 -0.55
N LEU D 92 -2.86 27.69 -0.05
CA LEU D 92 -3.49 26.35 -0.16
C LEU D 92 -4.72 26.24 0.75
N THR D 93 -4.77 27.00 1.84
CA THR D 93 -5.80 26.84 2.87
C THR D 93 -7.19 26.86 2.24
N GLY D 94 -8.01 25.90 2.63
CA GLY D 94 -9.45 25.89 2.34
C GLY D 94 -9.78 25.38 0.94
N GLN D 95 -8.82 25.01 0.12
CA GLN D 95 -9.10 24.57 -1.28
C GLN D 95 -9.56 23.12 -1.36
N PHE D 96 -9.05 22.23 -0.53
CA PHE D 96 -9.23 20.76 -0.71
C PHE D 96 -9.58 20.07 0.60
N TYR D 97 -10.49 19.11 0.55
CA TYR D 97 -10.76 18.27 1.73
C TYR D 97 -9.58 17.34 1.99
N GLY D 98 -9.25 17.13 3.27
CA GLY D 98 -8.24 16.15 3.67
C GLY D 98 -8.77 15.21 4.71
N ALA D 99 -8.32 13.96 4.68
CA ALA D 99 -8.81 12.86 5.51
C ALA D 99 -7.64 12.19 6.20
N SER D 100 -6.44 12.72 6.07
CA SER D 100 -5.22 12.14 6.65
C SER D 100 -4.26 13.27 6.98
N THR D 101 -3.34 13.04 7.91
CA THR D 101 -2.25 13.97 8.25
C THR D 101 -1.47 14.18 6.97
N PRO D 102 -1.37 15.41 6.46
CA PRO D 102 -0.65 15.65 5.22
C PRO D 102 0.84 15.39 5.35
N ASP D 103 1.41 14.89 4.26
CA ASP D 103 2.88 14.83 4.10
C ASP D 103 3.28 15.98 3.17
N ALA D 104 4.49 16.49 3.38
CA ALA D 104 4.98 17.54 2.46
C ALA D 104 6.46 17.35 2.24
N THR D 105 6.91 17.77 1.06
CA THR D 105 8.35 17.88 0.74
C THR D 105 8.50 19.14 -0.15
N SER D 106 9.73 19.61 -0.28
CA SER D 106 10.01 20.81 -1.05
C SER D 106 11.44 20.76 -1.52
N TRP D 107 11.71 21.54 -2.57
CA TRP D 107 13.09 21.72 -3.09
C TRP D 107 13.18 23.09 -3.74
N LEU D 108 14.41 23.61 -3.78
CA LEU D 108 14.73 24.91 -4.42
C LEU D 108 15.38 24.61 -5.77
N ASP D 109 14.89 25.23 -6.81
CA ASP D 109 15.52 25.08 -8.15
C ASP D 109 16.70 26.09 -8.23
N LYS D 110 17.40 26.06 -9.38
CA LYS D 110 18.64 26.86 -9.60
C LYS D 110 18.30 28.36 -9.54
N ASN D 111 17.06 28.75 -9.83
CA ASN D 111 16.63 30.17 -9.84
C ASN D 111 16.16 30.62 -8.47
N GLY D 112 16.21 29.76 -7.44
CA GLY D 112 15.76 30.11 -6.09
C GLY D 112 14.25 30.03 -5.93
N GLN D 113 13.55 29.38 -6.86
CA GLN D 113 12.09 29.22 -6.76
C GLN D 113 11.84 27.93 -5.96
N ILE D 114 11.05 28.06 -4.90
CA ILE D 114 10.65 26.86 -4.10
C ILE D 114 9.58 26.10 -4.88
N HIS D 115 9.66 24.78 -4.80
CA HIS D 115 8.62 23.86 -5.27
C HIS D 115 8.16 23.03 -4.05
N ILE D 116 6.87 22.92 -3.87
CA ILE D 116 6.29 22.17 -2.72
C ILE D 116 5.35 21.11 -3.27
N ARG D 117 5.37 19.92 -2.66
CA ARG D 117 4.39 18.88 -2.93
C ARG D 117 3.78 18.44 -1.60
N VAL D 118 2.46 18.42 -1.56
CA VAL D 118 1.69 18.07 -0.34
C VAL D 118 0.82 16.88 -0.70
N TYR D 119 0.75 15.85 0.15
CA TYR D 119 0.01 14.63 -0.14
C TYR D 119 -0.96 14.36 1.00
N ALA D 120 -2.20 14.05 0.64
CA ALA D 120 -3.21 13.66 1.64
C ALA D 120 -4.34 12.92 0.96
N TYR D 121 -4.96 12.00 1.67
CA TYR D 121 -6.26 11.48 1.24
C TYR D 121 -7.31 12.58 1.19
N ASN D 122 -8.25 12.48 0.24
CA ASN D 122 -9.38 13.45 0.20
C ASN D 122 -10.66 12.76 0.67
N GLN D 123 -11.78 13.42 0.45
CA GLN D 123 -13.07 12.96 1.01
C GLN D 123 -13.51 11.67 0.29
N ASP D 124 -13.00 11.42 -0.92
CA ASP D 124 -13.34 10.24 -1.72
C ASP D 124 -12.37 9.09 -1.45
N ASN D 125 -11.51 9.22 -0.40
CA ASN D 125 -10.47 8.21 -0.08
C ASN D 125 -9.49 8.06 -1.25
N VAL D 126 -9.20 9.17 -1.95
CA VAL D 126 -8.17 9.19 -3.00
C VAL D 126 -6.95 9.92 -2.47
N GLN D 127 -5.79 9.30 -2.58
CA GLN D 127 -4.52 10.00 -2.24
C GLN D 127 -4.24 11.06 -3.30
N LYS D 128 -4.20 12.33 -2.90
CA LYS D 128 -3.99 13.45 -3.80
C LYS D 128 -2.67 14.12 -3.52
N GLU D 129 -2.04 14.62 -4.59
CA GLU D 129 -0.87 15.48 -4.54
C GLU D 129 -1.27 16.88 -4.95
N TYR D 130 -0.88 17.87 -4.16
CA TYR D 130 -1.09 19.30 -4.48
C TYR D 130 0.27 19.92 -4.67
N CYS D 131 0.40 20.70 -5.74
CA CYS D 131 1.70 21.12 -6.24
C CYS D 131 1.78 22.66 -6.28
N TRP D 132 2.89 23.18 -5.78
CA TRP D 132 3.22 24.62 -5.92
C TRP D 132 4.56 24.74 -6.62
N ASP D 133 4.55 25.55 -7.70
CA ASP D 133 5.80 25.85 -8.45
C ASP D 133 5.98 27.38 -8.54
N GLY D 134 5.18 28.14 -7.80
CA GLY D 134 5.38 29.60 -7.69
C GLY D 134 4.20 30.42 -8.17
N SER D 135 3.13 29.83 -8.68
N SER D 135 3.12 29.85 -8.68
CA SER D 135 1.98 30.62 -9.19
CA SER D 135 1.96 30.67 -9.13
C SER D 135 0.68 30.25 -8.45
C SER D 135 0.66 30.26 -8.43
N LYS D 136 0.17 29.05 -8.65
CA LYS D 136 -1.12 28.60 -8.09
C LYS D 136 -0.92 27.13 -7.71
N TRP D 137 -1.64 26.70 -6.68
CA TRP D 137 -1.67 25.26 -6.37
C TRP D 137 -2.45 24.54 -7.47
N TYR D 138 -1.97 23.36 -7.86
CA TYR D 138 -2.70 22.49 -8.80
C TYR D 138 -2.58 21.04 -8.32
N VAL D 139 -3.54 20.25 -8.76
CA VAL D 139 -3.52 18.79 -8.47
C VAL D 139 -2.49 18.15 -9.39
N GLY D 140 -1.55 17.40 -8.78
CA GLY D 140 -0.46 16.77 -9.50
C GLY D 140 -0.85 15.43 -10.11
N ALA D 141 0.08 14.84 -10.80
CA ALA D 141 -0.13 13.54 -11.50
C ALA D 141 -0.07 12.37 -10.53
N TYR D 142 0.39 12.57 -9.28
CA TYR D 142 0.57 11.42 -8.39
C TYR D 142 -0.71 10.61 -8.26
N THR D 143 -0.55 9.28 -8.30
CA THR D 143 -1.52 8.30 -7.83
C THR D 143 -0.79 7.21 -7.06
N GLU D 144 -1.53 6.46 -6.26
CA GLU D 144 -0.98 5.22 -5.70
C GLU D 144 -0.94 4.16 -6.82
N GLY E 2 -0.06 -8.88 -19.33
CA GLY E 2 -1.34 -9.60 -19.33
C GLY E 2 -2.48 -8.79 -18.74
N ALA E 3 -3.68 -8.99 -19.24
CA ALA E 3 -4.88 -8.28 -18.73
C ALA E 3 -5.94 -9.31 -18.49
N THR E 4 -6.64 -9.25 -17.37
CA THR E 4 -7.83 -10.08 -17.16
C THR E 4 -8.87 -9.24 -16.43
N SER E 5 -10.13 -9.62 -16.54
CA SER E 5 -11.21 -8.86 -15.92
C SER E 5 -12.37 -9.79 -15.61
N TRP E 6 -13.21 -9.35 -14.67
CA TRP E 6 -14.45 -10.08 -14.35
C TRP E 6 -15.48 -9.10 -13.82
N LEU E 7 -16.74 -9.50 -13.97
CA LEU E 7 -17.88 -8.73 -13.43
C LEU E 7 -18.36 -9.38 -12.16
N ASP E 8 -18.55 -8.60 -11.12
CA ASP E 8 -19.14 -9.17 -9.88
C ASP E 8 -20.67 -9.17 -10.03
N GLY E 9 -21.32 -9.66 -8.99
CA GLY E 9 -22.79 -9.80 -8.98
C GLY E 9 -23.52 -8.48 -9.07
N SER E 10 -22.88 -7.36 -8.77
N SER E 10 -22.87 -7.36 -8.76
CA SER E 10 -23.47 -5.99 -8.86
CA SER E 10 -23.46 -5.99 -8.86
C SER E 10 -23.25 -5.38 -10.24
C SER E 10 -23.26 -5.38 -10.25
N GLY E 11 -22.54 -6.06 -11.15
CA GLY E 11 -22.25 -5.50 -12.47
C GLY E 11 -21.03 -4.60 -12.47
N GLN E 12 -20.25 -4.60 -11.41
CA GLN E 12 -19.00 -3.81 -11.32
C GLN E 12 -17.87 -4.61 -12.00
N ILE E 13 -17.17 -3.94 -12.91
CA ILE E 13 -15.96 -4.53 -13.55
C ILE E 13 -14.75 -4.44 -12.58
N HIS E 14 -13.97 -5.51 -12.59
CA HIS E 14 -12.65 -5.58 -11.92
C HIS E 14 -11.61 -5.86 -13.00
N LEU E 15 -10.52 -5.10 -12.99
CA LEU E 15 -9.42 -5.30 -13.96
C LEU E 15 -8.17 -5.65 -13.16
N ARG E 16 -7.36 -6.57 -13.71
CA ARG E 16 -6.03 -6.83 -13.17
C ARG E 16 -5.06 -6.84 -14.34
N ILE E 17 -4.03 -6.03 -14.25
CA ILE E 17 -3.05 -5.82 -15.34
C ILE E 17 -1.67 -6.18 -14.81
N TYR E 18 -1.01 -7.10 -15.51
CA TYR E 18 0.29 -7.69 -15.08
C TYR E 18 1.37 -7.23 -16.05
N SER E 19 2.51 -6.82 -15.52
CA SER E 19 3.64 -6.42 -16.35
C SER E 19 4.95 -6.72 -15.65
N LEU E 20 6.05 -6.74 -16.39
CA LEU E 20 7.40 -6.97 -15.85
C LEU E 20 8.03 -5.64 -15.56
N GLN E 21 8.42 -5.37 -14.31
CA GLN E 21 9.03 -4.07 -13.98
C GLN E 21 10.45 -3.98 -14.54
N GLN E 22 10.67 -2.91 -15.30
CA GLN E 22 11.98 -2.62 -15.88
C GLN E 22 13.01 -2.39 -14.79
N SER E 23 12.62 -1.89 -13.63
N SER E 23 12.63 -1.91 -13.60
CA SER E 23 13.54 -1.48 -12.54
CA SER E 23 13.58 -1.50 -12.55
C SER E 23 14.10 -2.67 -11.76
C SER E 23 14.09 -2.68 -11.75
N ASN E 24 13.37 -3.79 -11.67
CA ASN E 24 13.82 -4.87 -10.76
C ASN E 24 13.54 -6.26 -11.28
N GLY E 25 12.95 -6.41 -12.46
CA GLY E 25 12.73 -7.74 -13.02
C GLY E 25 11.69 -8.52 -12.25
N LYS E 26 10.82 -7.84 -11.52
CA LYS E 26 9.71 -8.47 -10.78
C LYS E 26 8.37 -8.13 -11.42
N LEU E 27 7.43 -9.05 -11.33
CA LEU E 27 6.08 -8.78 -11.86
C LEU E 27 5.35 -7.74 -11.01
N LEU E 28 4.67 -6.84 -11.72
CA LEU E 28 3.80 -5.79 -11.18
C LEU E 28 2.34 -6.20 -11.40
N GLU E 29 1.47 -5.94 -10.46
CA GLU E 29 -0.01 -6.07 -10.63
C GLU E 29 -0.66 -4.73 -10.33
N ARG E 30 -1.45 -4.24 -11.26
CA ARG E 30 -2.25 -3.00 -11.08
C ARG E 30 -3.70 -3.39 -11.11
N CYS E 31 -4.51 -2.80 -10.24
CA CYS E 31 -5.88 -3.28 -9.96
C CYS E 31 -6.87 -2.13 -10.12
N TRP E 32 -8.04 -2.43 -10.66
CA TRP E 32 -9.21 -1.55 -10.71
C TRP E 32 -10.39 -2.27 -10.15
N ASP E 33 -11.03 -1.76 -9.09
CA ASP E 33 -12.23 -2.41 -8.54
C ASP E 33 -13.45 -1.48 -8.54
N SER E 34 -13.27 -0.17 -8.65
CA SER E 34 -14.45 0.73 -8.63
C SER E 34 -14.15 2.06 -9.27
N ASN E 35 -13.17 2.78 -8.77
CA ASN E 35 -13.00 4.17 -9.21
C ASN E 35 -11.53 4.56 -9.45
N LYS E 36 -10.56 3.66 -9.24
CA LYS E 36 -9.18 4.08 -9.36
C LYS E 36 -8.27 2.86 -9.47
N TRP E 37 -7.08 3.13 -9.97
CA TRP E 37 -6.01 2.12 -10.04
C TRP E 37 -5.22 2.09 -8.73
N TYR E 38 -4.86 0.91 -8.27
CA TYR E 38 -4.00 0.72 -7.11
C TYR E 38 -3.12 -0.51 -7.28
N ASP E 39 -2.14 -0.63 -6.41
N ASP E 39 -2.13 -0.61 -6.41
CA ASP E 39 -1.14 -1.71 -6.50
CA ASP E 39 -1.12 -1.69 -6.44
C ASP E 39 -1.70 -3.02 -5.94
C ASP E 39 -1.71 -3.01 -5.93
N GLY E 40 -1.49 -4.12 -6.64
CA GLY E 40 -1.97 -5.42 -6.18
C GLY E 40 -0.93 -6.16 -5.34
N ALA E 41 -1.40 -7.17 -4.64
CA ALA E 41 -0.58 -8.00 -3.71
C ALA E 41 0.55 -8.75 -4.43
N LEU E 42 0.38 -9.06 -5.70
N LEU E 42 0.38 -9.06 -5.70
CA LEU E 42 1.40 -9.84 -6.43
CA LEU E 42 1.40 -9.82 -6.46
C LEU E 42 2.67 -8.99 -6.57
C LEU E 42 2.68 -8.98 -6.58
N THR E 43 2.56 -7.66 -6.62
CA THR E 43 3.71 -6.81 -6.93
C THR E 43 4.96 -7.15 -6.10
N ASN E 44 6.11 -7.32 -6.77
CA ASN E 44 7.45 -7.47 -6.17
C ASN E 44 7.64 -8.87 -5.55
N GLN E 45 6.70 -9.77 -5.67
CA GLN E 45 6.91 -11.12 -5.07
C GLN E 45 7.76 -12.04 -5.96
N PHE E 46 7.62 -11.92 -7.29
N PHE E 46 7.64 -11.92 -7.29
CA PHE E 46 8.18 -12.95 -8.20
CA PHE E 46 8.15 -12.97 -8.21
C PHE E 46 8.98 -12.31 -9.32
C PHE E 46 8.99 -12.33 -9.31
N SER E 47 10.16 -12.90 -9.54
CA SER E 47 11.04 -12.49 -10.64
C SER E 47 10.61 -13.20 -11.93
N ALA E 48 10.80 -12.54 -13.05
CA ALA E 48 10.52 -13.09 -14.37
C ALA E 48 11.42 -12.40 -15.40
N ILE E 49 11.46 -12.95 -16.59
CA ILE E 49 12.26 -12.42 -17.71
C ILE E 49 11.37 -12.18 -18.93
N SER E 50 10.07 -12.28 -18.78
CA SER E 50 9.12 -11.96 -19.86
C SER E 50 7.95 -11.18 -19.24
N GLY E 51 7.05 -10.78 -20.13
CA GLY E 51 5.74 -10.34 -19.68
C GLY E 51 4.93 -11.51 -19.17
N ALA E 52 3.66 -11.26 -18.91
CA ALA E 52 2.83 -12.26 -18.26
C ALA E 52 1.54 -12.40 -19.06
N GLY E 53 1.11 -13.61 -19.27
CA GLY E 53 -0.25 -13.89 -19.70
C GLY E 53 -1.11 -14.17 -18.50
N ALA E 54 -2.38 -13.82 -18.55
CA ALA E 54 -3.25 -13.97 -17.39
C ALA E 54 -4.60 -14.52 -17.84
N THR E 55 -5.21 -15.29 -16.97
CA THR E 55 -6.61 -15.74 -17.12
C THR E 55 -7.24 -15.78 -15.75
N SER E 56 -8.57 -15.75 -15.70
CA SER E 56 -9.27 -15.72 -14.40
C SER E 56 -10.63 -16.36 -14.60
N TRP E 57 -11.23 -16.80 -13.49
CA TRP E 57 -12.61 -17.32 -13.55
C TRP E 57 -13.25 -17.10 -12.20
N LEU E 58 -14.58 -17.02 -12.22
CA LEU E 58 -15.38 -16.91 -10.98
C LEU E 58 -15.96 -18.27 -10.62
N ASP E 59 -15.78 -18.71 -9.37
CA ASP E 59 -16.45 -19.95 -8.93
C ASP E 59 -17.92 -19.62 -8.54
N SER E 60 -18.67 -20.68 -8.20
CA SER E 60 -20.13 -20.57 -7.91
C SER E 60 -20.35 -19.71 -6.66
N SER E 61 -19.36 -19.52 -5.80
CA SER E 61 -19.48 -18.66 -4.59
C SER E 61 -19.17 -17.21 -4.93
N GLY E 62 -18.77 -16.89 -6.18
CA GLY E 62 -18.40 -15.52 -6.53
C GLY E 62 -16.94 -15.18 -6.21
N GLN E 63 -16.13 -16.16 -5.85
CA GLN E 63 -14.70 -15.97 -5.57
C GLN E 63 -13.94 -15.98 -6.91
N ILE E 64 -13.14 -14.95 -7.15
CA ILE E 64 -12.23 -14.89 -8.33
C ILE E 64 -11.01 -15.79 -8.10
N HIS E 65 -10.61 -16.46 -9.18
CA HIS E 65 -9.36 -17.24 -9.24
C HIS E 65 -8.56 -16.66 -10.41
N ILE E 66 -7.29 -16.41 -10.19
CA ILE E 66 -6.42 -15.81 -11.23
C ILE E 66 -5.23 -16.72 -11.43
N ARG E 67 -4.81 -16.85 -12.67
CA ARG E 67 -3.56 -17.57 -13.00
C ARG E 67 -2.75 -16.66 -13.93
N VAL E 68 -1.48 -16.49 -13.61
CA VAL E 68 -0.55 -15.61 -14.34
C VAL E 68 0.60 -16.49 -14.77
N TYR E 69 1.06 -16.33 -16.01
CA TYR E 69 2.09 -17.20 -16.62
C TYR E 69 3.18 -16.35 -17.22
N ALA E 70 4.41 -16.63 -16.83
CA ALA E 70 5.56 -15.85 -17.31
C ALA E 70 6.72 -16.78 -17.50
N ILE E 71 7.82 -16.27 -18.03
CA ILE E 71 9.08 -17.05 -18.08
C ILE E 71 9.89 -16.67 -16.84
N GLY E 72 10.27 -17.65 -16.06
CA GLY E 72 11.11 -17.42 -14.87
C GLY E 72 12.56 -17.24 -15.17
N THR E 73 13.33 -17.00 -14.12
CA THR E 73 14.75 -16.65 -14.27
C THR E 73 15.58 -17.88 -14.70
N ASP E 74 14.98 -19.07 -14.70
CA ASP E 74 15.66 -20.29 -15.21
C ASP E 74 15.21 -20.61 -16.65
N GLY E 75 14.46 -19.75 -17.32
CA GLY E 75 14.04 -20.00 -18.71
C GLY E 75 12.81 -20.89 -18.78
N LYS E 76 12.23 -21.26 -17.64
CA LYS E 76 11.06 -22.15 -17.62
C LYS E 76 9.82 -21.37 -17.26
N ILE E 77 8.69 -21.85 -17.75
CA ILE E 77 7.40 -21.16 -17.45
C ILE E 77 7.13 -21.26 -15.94
N ILE E 78 6.72 -20.13 -15.36
N ILE E 78 6.72 -20.13 -15.36
CA ILE E 78 6.23 -20.06 -13.96
CA ILE E 78 6.23 -20.05 -13.95
C ILE E 78 4.73 -19.77 -13.98
C ILE E 78 4.73 -19.78 -14.00
N GLU E 79 4.00 -20.40 -13.08
CA GLU E 79 2.56 -20.17 -12.91
C GLU E 79 2.33 -19.59 -11.51
N LEU E 80 1.69 -18.44 -11.44
CA LEU E 80 1.34 -17.80 -10.16
C LEU E 80 -0.17 -17.81 -10.02
N CYS E 81 -0.64 -18.20 -8.83
CA CYS E 81 -2.02 -18.52 -8.59
C CYS E 81 -2.59 -17.70 -7.44
N TRP E 82 -3.82 -17.26 -7.60
CA TRP E 82 -4.63 -16.63 -6.55
C TRP E 82 -5.97 -17.37 -6.53
N ASP E 83 -6.35 -17.86 -5.32
CA ASP E 83 -7.67 -18.52 -5.14
C ASP E 83 -8.52 -17.83 -4.08
N LYS E 84 -7.94 -17.05 -3.22
CA LYS E 84 -8.70 -16.48 -2.07
C LYS E 84 -7.93 -15.35 -1.42
N ASP E 85 -6.70 -15.58 -0.99
CA ASP E 85 -6.04 -14.62 -0.09
C ASP E 85 -4.55 -14.58 -0.24
N LYS E 86 -3.94 -15.30 -1.18
CA LYS E 86 -2.47 -15.25 -1.30
C LYS E 86 -2.05 -15.77 -2.66
N TRP E 87 -0.94 -15.25 -3.14
CA TRP E 87 -0.33 -15.76 -4.37
C TRP E 87 0.59 -16.93 -4.07
N TYR E 88 0.56 -17.98 -4.89
CA TYR E 88 1.43 -19.14 -4.71
C TYR E 88 1.85 -19.69 -6.08
N SER E 89 2.97 -20.43 -6.09
CA SER E 89 3.49 -21.04 -7.33
C SER E 89 2.68 -22.29 -7.65
N GLY E 90 2.11 -22.36 -8.86
CA GLY E 90 1.30 -23.52 -9.27
C GLY E 90 2.09 -24.70 -9.77
N ALA E 91 1.35 -25.78 -10.06
CA ALA E 91 1.96 -27.07 -10.48
C ALA E 91 2.72 -26.92 -11.80
N LEU E 92 2.35 -25.97 -12.68
CA LEU E 92 3.07 -25.86 -13.96
C LEU E 92 4.51 -25.41 -13.78
N THR E 93 4.78 -24.64 -12.74
CA THR E 93 6.10 -23.99 -12.58
C THR E 93 7.26 -24.97 -12.76
N GLY E 94 8.23 -24.60 -13.57
CA GLY E 94 9.51 -25.33 -13.70
C GLY E 94 9.43 -26.51 -14.62
N GLN E 95 8.31 -26.83 -15.23
CA GLN E 95 8.20 -28.08 -16.06
C GLN E 95 8.74 -27.89 -17.47
N PHE E 96 8.57 -26.73 -18.11
CA PHE E 96 8.82 -26.54 -19.54
C PHE E 96 9.57 -25.27 -19.84
N TYR E 97 10.45 -25.32 -20.81
CA TYR E 97 11.15 -24.10 -21.26
C TYR E 97 10.16 -23.25 -22.04
N GLY E 98 10.24 -21.95 -21.87
CA GLY E 98 9.46 -20.99 -22.63
C GLY E 98 10.34 -19.91 -23.17
N ALA E 99 10.07 -19.50 -24.38
CA ALA E 99 10.94 -18.57 -25.15
C ALA E 99 10.10 -17.38 -25.56
N SER E 100 8.86 -17.27 -25.09
CA SER E 100 7.96 -16.16 -25.45
C SER E 100 7.03 -15.89 -24.25
N THR E 101 6.45 -14.70 -24.17
CA THR E 101 5.46 -14.36 -23.13
C THR E 101 4.31 -15.30 -23.32
N PRO E 102 3.95 -16.13 -22.31
CA PRO E 102 2.89 -17.11 -22.52
C PRO E 102 1.53 -16.45 -22.72
N ASP E 103 0.72 -17.10 -23.53
CA ASP E 103 -0.73 -16.81 -23.64
C ASP E 103 -1.51 -17.82 -22.83
N ALA E 104 -2.63 -17.43 -22.29
CA ALA E 104 -3.46 -18.37 -21.53
C ALA E 104 -4.93 -18.10 -21.75
N THR E 105 -5.73 -19.15 -21.71
CA THR E 105 -7.19 -19.03 -21.68
C THR E 105 -7.73 -20.16 -20.80
N SER E 106 -8.96 -20.02 -20.36
CA SER E 106 -9.54 -21.00 -19.42
C SER E 106 -11.03 -20.99 -19.60
N TRP E 107 -11.68 -22.07 -19.16
CA TRP E 107 -13.16 -22.14 -19.15
C TRP E 107 -13.56 -23.11 -18.04
N LEU E 108 -14.77 -22.91 -17.51
CA LEU E 108 -15.36 -23.76 -16.45
C LEU E 108 -16.37 -24.70 -17.10
N ASP E 109 -16.25 -25.99 -16.85
CA ASP E 109 -17.25 -26.96 -17.36
C ASP E 109 -18.45 -26.96 -16.41
N LYS E 110 -19.46 -27.75 -16.75
CA LYS E 110 -20.77 -27.70 -16.00
C LYS E 110 -20.56 -28.28 -14.60
N ASN E 111 -19.51 -29.06 -14.36
CA ASN E 111 -19.20 -29.62 -13.02
C ASN E 111 -18.38 -28.65 -12.19
N GLY E 112 -18.07 -27.45 -12.70
CA GLY E 112 -17.25 -26.48 -11.96
C GLY E 112 -15.77 -26.77 -12.02
N GLN E 113 -15.32 -27.65 -12.91
CA GLN E 113 -13.89 -27.94 -13.09
C GLN E 113 -13.32 -26.91 -14.08
N ILE E 114 -12.29 -26.18 -13.66
CA ILE E 114 -11.54 -25.29 -14.57
C ILE E 114 -10.71 -26.12 -15.54
N HIS E 115 -10.63 -25.63 -16.78
CA HIS E 115 -9.70 -26.10 -17.82
C HIS E 115 -8.85 -24.91 -18.24
N ILE E 116 -7.56 -25.11 -18.30
CA ILE E 116 -6.62 -24.02 -18.69
C ILE E 116 -5.79 -24.53 -19.86
N ARG E 117 -5.50 -23.61 -20.79
CA ARG E 117 -4.58 -23.88 -21.91
C ARG E 117 -3.59 -22.73 -21.92
N VAL E 118 -2.32 -23.07 -21.92
CA VAL E 118 -1.20 -22.13 -21.91
C VAL E 118 -0.39 -22.37 -23.16
N TYR E 119 0.04 -21.31 -23.85
CA TYR E 119 0.77 -21.43 -25.13
C TYR E 119 2.07 -20.65 -25.05
N ALA E 120 3.15 -21.23 -25.48
CA ALA E 120 4.44 -20.54 -25.56
C ALA E 120 5.37 -21.29 -26.48
N TYR E 121 6.25 -20.57 -27.15
CA TYR E 121 7.36 -21.21 -27.85
C TYR E 121 8.31 -21.89 -26.84
N ASN E 122 8.89 -23.02 -27.22
CA ASN E 122 9.96 -23.66 -26.43
C ASN E 122 11.31 -23.43 -27.07
N GLN E 123 12.32 -24.11 -26.52
CA GLN E 123 13.71 -23.89 -26.87
C GLN E 123 13.97 -24.29 -28.32
N ASP E 124 13.15 -25.19 -28.87
CA ASP E 124 13.32 -25.67 -30.24
C ASP E 124 12.52 -24.82 -31.25
N ASN E 125 12.03 -23.65 -30.80
CA ASN E 125 11.21 -22.74 -31.66
C ASN E 125 9.94 -23.46 -32.10
N VAL E 126 9.35 -24.26 -31.22
CA VAL E 126 8.04 -24.90 -31.50
C VAL E 126 7.04 -24.28 -30.55
N GLN E 127 5.90 -23.90 -31.10
CA GLN E 127 4.79 -23.40 -30.30
C GLN E 127 4.15 -24.57 -29.57
N LYS E 128 4.14 -24.55 -28.25
CA LYS E 128 3.58 -25.66 -27.44
C LYS E 128 2.35 -25.19 -26.71
N GLU E 129 1.42 -26.07 -26.51
CA GLU E 129 0.22 -25.93 -25.68
C GLU E 129 0.34 -26.84 -24.47
N TYR E 130 0.13 -26.28 -23.29
CA TYR E 130 0.13 -27.03 -22.02
C TYR E 130 -1.29 -26.96 -21.49
N CYS E 131 -1.79 -28.12 -21.05
CA CYS E 131 -3.20 -28.32 -20.76
C CYS E 131 -3.41 -28.77 -19.31
N TRP E 132 -4.37 -28.14 -18.66
CA TRP E 132 -4.84 -28.53 -17.32
C TRP E 132 -6.32 -28.81 -17.39
N ASP E 133 -6.71 -30.04 -16.94
CA ASP E 133 -8.13 -30.41 -16.85
C ASP E 133 -8.44 -30.89 -15.42
N GLY E 134 -7.54 -30.69 -14.49
CA GLY E 134 -7.81 -30.96 -13.05
C GLY E 134 -6.86 -31.97 -12.42
N SER E 135 -5.96 -32.62 -13.16
CA SER E 135 -5.05 -33.62 -12.55
C SER E 135 -3.59 -33.25 -12.75
N LYS E 136 -3.10 -33.30 -13.97
CA LYS E 136 -1.69 -33.02 -14.28
C LYS E 136 -1.62 -32.16 -15.55
N TRP E 137 -0.63 -31.34 -15.66
CA TRP E 137 -0.34 -30.63 -16.91
C TRP E 137 0.13 -31.63 -17.96
N TYR E 138 -0.38 -31.51 -19.17
CA TYR E 138 0.13 -32.32 -20.29
C TYR E 138 0.26 -31.49 -21.55
N VAL E 139 1.12 -31.92 -22.43
CA VAL E 139 1.33 -31.27 -23.74
C VAL E 139 0.13 -31.59 -24.64
N GLY E 140 -0.54 -30.55 -25.13
CA GLY E 140 -1.73 -30.69 -25.96
C GLY E 140 -1.40 -30.98 -27.42
N ALA E 141 -2.48 -31.14 -28.19
CA ALA E 141 -2.41 -31.45 -29.62
C ALA E 141 -2.10 -30.23 -30.47
N TYR E 142 -2.20 -29.02 -29.90
CA TYR E 142 -2.00 -27.81 -30.70
C TYR E 142 -0.68 -27.85 -31.46
N THR E 143 -0.79 -27.49 -32.76
CA THR E 143 0.37 -27.12 -33.58
C THR E 143 0.03 -25.89 -34.39
N GLU E 144 1.05 -25.23 -34.92
CA GLU E 144 0.78 -24.23 -36.00
C GLU E 144 0.41 -24.98 -37.29
N GLY F 2 22.84 -6.42 -37.08
CA GLY F 2 24.30 -6.39 -36.98
C GLY F 2 24.92 -5.37 -37.90
N ALA F 3 26.01 -4.72 -37.47
CA ALA F 3 26.73 -3.82 -38.36
C ALA F 3 28.20 -4.14 -38.28
N THR F 4 28.86 -4.21 -39.44
CA THR F 4 30.32 -4.36 -39.42
C THR F 4 30.87 -3.44 -40.51
N SER F 5 32.14 -3.12 -40.44
CA SER F 5 32.75 -2.21 -41.42
C SER F 5 34.24 -2.48 -41.49
N TRP F 6 34.85 -2.06 -42.60
CA TRP F 6 36.31 -2.15 -42.73
C TRP F 6 36.78 -1.05 -43.66
N LEU F 7 38.01 -0.62 -43.50
CA LEU F 7 38.64 0.40 -44.35
C LEU F 7 39.61 -0.30 -45.26
N ASP F 8 39.50 -0.07 -46.55
CA ASP F 8 40.45 -0.67 -47.50
C ASP F 8 41.71 0.21 -47.54
N GLY F 9 42.67 -0.27 -48.32
CA GLY F 9 43.98 0.39 -48.45
C GLY F 9 43.89 1.79 -49.03
N SER F 10 42.80 2.14 -49.73
N SER F 10 42.78 2.12 -49.72
CA SER F 10 42.59 3.49 -50.31
CA SER F 10 42.60 3.47 -50.32
C SER F 10 41.91 4.44 -49.34
C SER F 10 41.96 4.43 -49.33
N GLY F 11 41.55 3.96 -48.13
CA GLY F 11 40.84 4.81 -47.17
C GLY F 11 39.34 4.83 -47.42
N GLN F 12 38.85 3.93 -48.21
CA GLN F 12 37.39 3.82 -48.48
C GLN F 12 36.76 2.93 -47.40
N ILE F 13 35.73 3.42 -46.77
CA ILE F 13 34.92 2.61 -45.79
C ILE F 13 33.97 1.70 -46.54
N HIS F 14 33.82 0.48 -46.06
CA HIS F 14 32.83 -0.50 -46.51
C HIS F 14 31.94 -0.80 -45.31
N LEU F 15 30.62 -0.74 -45.51
CA LEU F 15 29.68 -1.07 -44.42
C LEU F 15 28.86 -2.28 -44.85
N ARG F 16 28.56 -3.18 -43.91
CA ARG F 16 27.65 -4.28 -44.13
C ARG F 16 26.68 -4.31 -42.97
N ILE F 17 25.40 -4.23 -43.24
CA ILE F 17 24.32 -4.10 -42.23
C ILE F 17 23.38 -5.27 -42.42
N TYR F 18 23.21 -6.07 -41.38
CA TYR F 18 22.43 -7.34 -41.42
C TYR F 18 21.17 -7.17 -40.60
N SER F 19 20.05 -7.57 -41.17
CA SER F 19 18.77 -7.49 -40.47
C SER F 19 17.83 -8.60 -40.91
N LEU F 20 16.84 -8.90 -40.08
CA LEU F 20 15.85 -9.94 -40.36
C LEU F 20 14.64 -9.27 -41.03
N GLN F 21 14.28 -9.72 -42.22
CA GLN F 21 13.15 -9.14 -42.95
C GLN F 21 11.83 -9.61 -42.40
N GLN F 22 10.98 -8.66 -42.08
CA GLN F 22 9.60 -8.91 -41.59
C GLN F 22 8.81 -9.66 -42.67
N SER F 23 9.08 -9.43 -43.95
CA SER F 23 8.26 -9.87 -45.09
C SER F 23 8.51 -11.35 -45.39
N ASN F 24 9.70 -11.89 -45.11
CA ASN F 24 9.96 -13.30 -45.52
C ASN F 24 10.77 -14.09 -44.47
N GLY F 25 11.12 -13.53 -43.33
CA GLY F 25 11.83 -14.27 -42.30
C GLY F 25 13.26 -14.63 -42.71
N LYS F 26 13.80 -13.91 -43.69
CA LYS F 26 15.18 -14.14 -44.16
C LYS F 26 16.08 -12.97 -43.84
N LEU F 27 17.37 -13.29 -43.62
CA LEU F 27 18.33 -12.19 -43.41
C LEU F 27 18.58 -11.37 -44.71
N LEU F 28 18.63 -10.07 -44.52
CA LEU F 28 18.97 -9.05 -45.51
C LEU F 28 20.38 -8.54 -45.22
N GLU F 29 21.16 -8.35 -46.29
CA GLU F 29 22.47 -7.68 -46.18
C GLU F 29 22.41 -6.40 -47.00
N ARG F 30 22.62 -5.26 -46.36
CA ARG F 30 22.71 -3.96 -47.07
C ARG F 30 24.17 -3.53 -47.05
N CYS F 31 24.64 -3.11 -48.19
CA CYS F 31 26.08 -2.87 -48.44
C CYS F 31 26.34 -1.46 -48.88
N TRP F 32 27.43 -0.87 -48.38
CA TRP F 32 27.93 0.44 -48.86
C TRP F 32 29.40 0.24 -49.20
N ASP F 33 29.78 0.56 -50.45
CA ASP F 33 31.20 0.45 -50.86
C ASP F 33 31.77 1.80 -51.27
N SER F 34 30.97 2.77 -51.62
CA SER F 34 31.47 4.05 -52.16
C SER F 34 30.43 5.12 -52.07
N ASN F 35 29.25 4.92 -52.67
CA ASN F 35 28.33 6.07 -52.76
C ASN F 35 26.86 5.66 -52.72
N LYS F 36 26.55 4.39 -52.48
CA LYS F 36 25.12 4.00 -52.44
C LYS F 36 24.95 2.69 -51.68
N TRP F 37 23.76 2.51 -51.17
CA TRP F 37 23.37 1.24 -50.49
C TRP F 37 22.82 0.27 -51.52
N TYR F 38 23.18 -1.00 -51.40
CA TYR F 38 22.63 -2.03 -52.30
C TYR F 38 22.44 -3.33 -51.53
N ASP F 39 21.67 -4.23 -52.10
CA ASP F 39 21.43 -5.54 -51.47
C ASP F 39 22.61 -6.46 -51.74
N GLY F 40 23.20 -7.04 -50.71
CA GLY F 40 24.33 -7.96 -50.81
C GLY F 40 23.91 -9.37 -51.11
N ALA F 41 24.87 -10.20 -51.48
CA ALA F 41 24.68 -11.60 -51.88
C ALA F 41 24.04 -12.45 -50.79
N LEU F 42 24.21 -12.10 -49.51
N LEU F 42 24.22 -12.12 -49.51
CA LEU F 42 23.63 -12.94 -48.43
CA LEU F 42 23.64 -12.94 -48.42
C LEU F 42 22.12 -12.88 -48.49
C LEU F 42 22.12 -12.89 -48.51
N THR F 43 21.57 -11.77 -48.98
CA THR F 43 20.12 -11.48 -48.94
C THR F 43 19.31 -12.69 -49.44
N ASN F 44 18.32 -13.06 -48.64
CA ASN F 44 17.28 -14.04 -48.95
C ASN F 44 17.80 -15.47 -49.02
N GLN F 45 19.04 -15.74 -48.68
CA GLN F 45 19.56 -17.12 -48.69
C GLN F 45 19.17 -17.88 -47.41
N PHE F 46 19.07 -17.20 -46.26
N PHE F 46 19.06 -17.20 -46.26
CA PHE F 46 19.01 -17.90 -44.95
CA PHE F 46 18.99 -17.89 -44.94
C PHE F 46 17.85 -17.38 -44.09
C PHE F 46 17.85 -17.38 -44.06
N SER F 47 17.07 -18.30 -43.55
CA SER F 47 15.97 -17.99 -42.63
C SER F 47 16.52 -17.82 -41.22
N ALA F 48 15.93 -16.94 -40.44
CA ALA F 48 16.28 -16.77 -39.04
C ALA F 48 15.06 -16.30 -38.26
N ILE F 49 15.18 -16.35 -36.94
CA ILE F 49 14.08 -15.89 -36.05
C ILE F 49 14.60 -14.80 -35.12
N SER F 50 15.81 -14.31 -35.35
CA SER F 50 16.38 -13.19 -34.57
C SER F 50 17.07 -12.24 -35.55
N GLY F 51 17.51 -11.13 -34.97
CA GLY F 51 18.50 -10.31 -35.67
C GLY F 51 19.83 -11.01 -35.77
N ALA F 52 20.83 -10.32 -36.27
CA ALA F 52 22.12 -10.94 -36.56
C ALA F 52 23.22 -10.10 -35.90
N GLY F 53 24.17 -10.75 -35.27
CA GLY F 53 25.42 -10.13 -34.89
C GLY F 53 26.43 -10.35 -35.99
N ALA F 54 27.33 -9.42 -36.15
CA ALA F 54 28.30 -9.53 -37.25
C ALA F 54 29.67 -9.12 -36.79
N THR F 55 30.68 -9.76 -37.36
CA THR F 55 32.08 -9.34 -37.17
C THR F 55 32.80 -9.57 -38.49
N SER F 56 33.94 -8.92 -38.68
CA SER F 56 34.69 -9.06 -39.94
C SER F 56 36.14 -8.76 -39.66
N TRP F 57 37.00 -9.22 -40.55
CA TRP F 57 38.44 -8.90 -40.44
C TRP F 57 39.04 -8.89 -41.84
N LEU F 58 40.08 -8.10 -41.98
CA LEU F 58 40.87 -7.99 -43.24
C LEU F 58 42.13 -8.78 -43.07
N ASP F 59 42.38 -9.76 -43.94
CA ASP F 59 43.66 -10.48 -43.89
C ASP F 59 44.77 -9.64 -44.56
N SER F 60 45.98 -10.17 -44.52
CA SER F 60 47.20 -9.46 -44.99
C SER F 60 47.13 -9.24 -46.50
N SER F 61 46.30 -10.01 -47.22
N SER F 61 46.32 -10.02 -47.21
CA SER F 61 46.12 -9.82 -48.68
CA SER F 61 46.07 -9.87 -48.67
C SER F 61 45.07 -8.74 -48.97
C SER F 61 45.02 -8.78 -48.97
N GLY F 62 44.38 -8.19 -47.95
CA GLY F 62 43.29 -7.22 -48.16
C GLY F 62 41.96 -7.90 -48.43
N GLN F 63 41.84 -9.19 -48.19
CA GLN F 63 40.57 -9.90 -48.40
C GLN F 63 39.72 -9.75 -47.13
N ILE F 64 38.50 -9.28 -47.26
CA ILE F 64 37.54 -9.23 -46.12
C ILE F 64 37.00 -10.63 -45.86
N HIS F 65 36.85 -10.95 -44.56
CA HIS F 65 36.13 -12.13 -44.09
C HIS F 65 35.02 -11.64 -43.17
N ILE F 66 33.84 -12.19 -43.32
CA ILE F 66 32.67 -11.75 -42.54
C ILE F 66 32.06 -12.98 -41.88
N ARG F 67 31.61 -12.83 -40.64
CA ARG F 67 30.85 -13.88 -39.96
C ARG F 67 29.61 -13.25 -39.35
N VAL F 68 28.49 -13.87 -39.59
CA VAL F 68 27.16 -13.39 -39.18
C VAL F 68 26.54 -14.49 -38.33
N TYR F 69 25.96 -14.11 -37.18
CA TYR F 69 25.41 -15.04 -36.19
C TYR F 69 23.96 -14.69 -35.87
N ALA F 70 23.08 -15.62 -36.01
CA ALA F 70 21.64 -15.41 -35.76
C ALA F 70 21.07 -16.66 -35.14
N ILE F 71 19.84 -16.58 -34.70
CA ILE F 71 19.08 -17.79 -34.26
C ILE F 71 18.32 -18.36 -35.43
N GLY F 72 18.55 -19.64 -35.74
CA GLY F 72 17.85 -20.33 -36.83
C GLY F 72 16.48 -20.79 -36.45
N THR F 73 15.79 -21.41 -37.38
CA THR F 73 14.39 -21.79 -37.20
C THR F 73 14.25 -22.99 -36.25
N ASP F 74 15.38 -23.59 -35.87
CA ASP F 74 15.38 -24.68 -34.84
C ASP F 74 15.79 -24.17 -33.46
N GLY F 75 15.89 -22.83 -33.26
CA GLY F 75 16.26 -22.29 -31.93
C GLY F 75 17.74 -22.34 -31.67
N LYS F 76 18.55 -22.78 -32.63
CA LYS F 76 20.00 -22.90 -32.43
C LYS F 76 20.72 -21.81 -33.20
N ILE F 77 21.88 -21.44 -32.69
CA ILE F 77 22.71 -20.40 -33.35
C ILE F 77 23.14 -20.91 -34.71
N ILE F 78 23.02 -20.07 -35.73
CA ILE F 78 23.57 -20.30 -37.08
C ILE F 78 24.71 -19.35 -37.32
N GLU F 79 25.74 -19.81 -38.01
CA GLU F 79 26.91 -19.00 -38.40
C GLU F 79 26.96 -18.99 -39.93
N LEU F 80 27.00 -17.80 -40.51
CA LEU F 80 27.11 -17.61 -41.96
C LEU F 80 28.43 -16.93 -42.24
N CYS F 81 29.16 -17.47 -43.22
CA CYS F 81 30.56 -17.11 -43.46
C CYS F 81 30.81 -16.64 -44.88
N TRP F 82 31.59 -15.61 -45.00
CA TRP F 82 32.14 -15.11 -46.30
C TRP F 82 33.64 -15.03 -46.17
N ASP F 83 34.38 -15.67 -47.09
CA ASP F 83 35.86 -15.56 -47.14
C ASP F 83 36.35 -15.01 -48.47
N LYS F 84 35.54 -15.02 -49.51
CA LYS F 84 36.04 -14.63 -50.86
C LYS F 84 34.89 -14.37 -51.81
N ASP F 85 34.02 -15.35 -52.03
CA ASP F 85 33.05 -15.23 -53.15
C ASP F 85 31.76 -15.95 -52.92
N LYS F 86 31.51 -16.49 -51.73
CA LYS F 86 30.27 -17.19 -51.45
C LYS F 86 30.00 -17.25 -49.97
N TRP F 87 28.72 -17.22 -49.62
CA TRP F 87 28.29 -17.47 -48.23
C TRP F 87 28.13 -18.96 -47.99
N TYR F 88 28.58 -19.42 -46.83
CA TYR F 88 28.41 -20.81 -46.41
C TYR F 88 28.13 -20.92 -44.91
N SER F 89 27.50 -21.99 -44.50
CA SER F 89 27.20 -22.28 -43.09
C SER F 89 28.48 -22.71 -42.38
N GLY F 90 28.86 -22.04 -41.30
CA GLY F 90 30.09 -22.36 -40.59
C GLY F 90 29.93 -23.52 -39.58
N ALA F 91 31.05 -23.90 -38.98
CA ALA F 91 31.13 -25.00 -38.01
C ALA F 91 30.28 -24.75 -36.77
N LEU F 92 30.02 -23.49 -36.38
CA LEU F 92 29.23 -23.25 -35.17
C LEU F 92 27.78 -23.68 -35.34
N THR F 93 27.26 -23.65 -36.57
CA THR F 93 25.81 -23.81 -36.81
C THR F 93 25.27 -25.08 -36.17
N GLY F 94 24.19 -24.96 -35.45
CA GLY F 94 23.43 -26.09 -34.89
C GLY F 94 23.99 -26.63 -33.61
N GLN F 95 25.09 -26.10 -33.06
CA GLN F 95 25.69 -26.67 -31.81
C GLN F 95 24.94 -26.23 -30.56
N PHE F 96 24.47 -24.99 -30.48
CA PHE F 96 23.99 -24.42 -29.20
C PHE F 96 22.63 -23.73 -29.35
N TYR F 97 21.79 -23.83 -28.34
CA TYR F 97 20.55 -23.06 -28.32
C TYR F 97 20.89 -21.59 -28.05
N GLY F 98 20.19 -20.69 -28.72
CA GLY F 98 20.29 -19.26 -28.41
C GLY F 98 18.93 -18.66 -28.25
N ALA F 99 18.80 -17.75 -27.32
CA ALA F 99 17.52 -17.16 -26.94
C ALA F 99 17.58 -15.65 -27.11
N SER F 100 18.65 -15.14 -27.72
CA SER F 100 18.87 -13.69 -27.89
C SER F 100 19.62 -13.53 -29.22
N THR F 101 19.54 -12.35 -29.85
CA THR F 101 20.35 -12.02 -31.03
C THR F 101 21.81 -12.10 -30.58
N PRO F 102 22.63 -12.96 -31.18
CA PRO F 102 24.02 -13.07 -30.72
C PRO F 102 24.85 -11.81 -30.95
N ASP F 103 25.78 -11.61 -30.03
CA ASP F 103 26.85 -10.60 -30.19
C ASP F 103 28.14 -11.29 -30.59
N ALA F 104 28.96 -10.65 -31.40
CA ALA F 104 30.22 -11.26 -31.82
C ALA F 104 31.32 -10.22 -31.89
N THR F 105 32.54 -10.65 -31.58
CA THR F 105 33.74 -9.85 -31.82
C THR F 105 34.86 -10.77 -32.28
N SER F 106 35.89 -10.20 -32.86
CA SER F 106 36.99 -11.02 -33.40
C SER F 106 38.24 -10.18 -33.43
N TRP F 107 39.38 -10.86 -33.45
CA TRP F 107 40.69 -10.20 -33.59
C TRP F 107 41.66 -11.14 -34.28
N LEU F 108 42.56 -10.55 -35.05
CA LEU F 108 43.58 -11.26 -35.85
C LEU F 108 44.90 -11.17 -35.11
N ASP F 109 45.51 -12.28 -34.77
CA ASP F 109 46.78 -12.27 -34.02
C ASP F 109 47.91 -12.07 -35.04
N LYS F 110 49.12 -11.91 -34.51
CA LYS F 110 50.33 -11.60 -35.32
C LYS F 110 50.63 -12.72 -36.32
N ASN F 111 50.17 -13.95 -36.11
CA ASN F 111 50.35 -15.07 -37.05
C ASN F 111 49.27 -15.12 -38.12
N GLY F 112 48.29 -14.21 -38.10
CA GLY F 112 47.19 -14.25 -39.07
C GLY F 112 46.09 -15.23 -38.67
N GLN F 113 46.05 -15.69 -37.42
CA GLN F 113 44.97 -16.57 -36.95
C GLN F 113 43.85 -15.70 -36.39
N ILE F 114 42.66 -15.87 -36.93
CA ILE F 114 41.45 -15.19 -36.37
C ILE F 114 41.04 -15.87 -35.08
N HIS F 115 40.58 -15.07 -34.14
CA HIS F 115 39.91 -15.49 -32.89
C HIS F 115 38.53 -14.85 -32.91
N ILE F 116 37.51 -15.63 -32.60
CA ILE F 116 36.13 -15.14 -32.59
C ILE F 116 35.51 -15.48 -31.23
N ARG F 117 34.75 -14.53 -30.71
CA ARG F 117 33.94 -14.77 -29.49
C ARG F 117 32.49 -14.40 -29.80
N VAL F 118 31.58 -15.29 -29.52
CA VAL F 118 30.13 -15.13 -29.77
C VAL F 118 29.42 -15.24 -28.45
N TYR F 119 28.46 -14.36 -28.16
CA TYR F 119 27.75 -14.32 -26.87
C TYR F 119 26.27 -14.40 -27.10
N ALA F 120 25.59 -15.26 -26.39
CA ALA F 120 24.13 -15.36 -26.47
C ALA F 120 23.61 -15.98 -25.20
N TYR F 121 22.42 -15.58 -24.80
CA TYR F 121 21.69 -16.38 -23.78
C TYR F 121 21.33 -17.75 -24.34
N ASN F 122 21.31 -18.74 -23.45
CA ASN F 122 20.83 -20.08 -23.81
C ASN F 122 19.45 -20.32 -23.22
N GLN F 123 18.96 -21.55 -23.34
CA GLN F 123 17.62 -21.93 -22.95
C GLN F 123 17.43 -21.79 -21.43
N ASP F 124 18.52 -21.81 -20.67
CA ASP F 124 18.45 -21.73 -19.19
C ASP F 124 18.60 -20.28 -18.72
N ASN F 125 18.53 -19.34 -19.64
CA ASN F 125 18.69 -17.88 -19.32
C ASN F 125 20.10 -17.61 -18.72
N VAL F 126 21.09 -18.30 -19.23
CA VAL F 126 22.50 -18.08 -18.89
C VAL F 126 23.19 -17.48 -20.12
N GLN F 127 23.91 -16.41 -19.92
CA GLN F 127 24.72 -15.81 -20.98
C GLN F 127 25.95 -16.67 -21.24
N LYS F 128 26.09 -17.18 -22.44
CA LYS F 128 27.21 -18.07 -22.79
C LYS F 128 28.13 -17.38 -23.79
N GLU F 129 29.40 -17.74 -23.73
CA GLU F 129 30.45 -17.33 -24.69
C GLU F 129 30.90 -18.54 -25.44
N TYR F 130 30.93 -18.45 -26.77
CA TYR F 130 31.46 -19.53 -27.64
C TYR F 130 32.69 -19.01 -28.33
N CYS F 131 33.76 -19.82 -28.34
CA CYS F 131 35.10 -19.36 -28.70
C CYS F 131 35.65 -20.14 -29.86
N TRP F 132 36.26 -19.44 -30.79
CA TRP F 132 37.02 -20.02 -31.92
C TRP F 132 38.42 -19.46 -31.89
N ASP F 133 39.43 -20.36 -31.86
CA ASP F 133 40.84 -19.95 -31.95
C ASP F 133 41.52 -20.72 -33.11
N GLY F 134 40.75 -21.40 -33.93
CA GLY F 134 41.29 -22.00 -35.18
C GLY F 134 41.10 -23.51 -35.24
N SER F 135 40.53 -24.17 -34.22
N SER F 135 40.50 -24.15 -34.24
CA SER F 135 40.35 -25.64 -34.27
CA SER F 135 40.35 -25.64 -34.21
C SER F 135 38.88 -26.05 -34.13
C SER F 135 38.89 -26.05 -34.11
N LYS F 136 38.29 -25.85 -32.95
CA LYS F 136 36.90 -26.23 -32.66
C LYS F 136 36.30 -25.11 -31.83
N TRP F 137 34.98 -24.97 -31.90
CA TRP F 137 34.27 -24.06 -31.02
C TRP F 137 34.24 -24.68 -29.61
N TYR F 138 34.46 -23.88 -28.60
CA TYR F 138 34.37 -24.33 -27.21
C TYR F 138 33.68 -23.27 -26.36
N VAL F 139 33.09 -23.73 -25.26
CA VAL F 139 32.44 -22.78 -24.33
C VAL F 139 33.52 -22.05 -23.53
N GLY F 140 33.51 -20.71 -23.56
CA GLY F 140 34.50 -19.91 -22.85
C GLY F 140 34.21 -19.70 -21.39
N ALA F 141 35.14 -19.01 -20.74
CA ALA F 141 35.09 -18.73 -19.29
C ALA F 141 34.13 -17.60 -18.95
N TYR F 142 33.59 -16.91 -19.94
CA TYR F 142 32.72 -15.74 -19.64
C TYR F 142 31.59 -16.15 -18.71
N THR F 143 31.38 -15.31 -17.71
CA THR F 143 30.22 -15.32 -16.83
C THR F 143 29.71 -13.89 -16.70
N GLU F 144 28.40 -13.80 -16.51
CA GLU F 144 27.75 -12.50 -16.27
C GLU F 144 28.08 -12.06 -14.86
#